data_5NNU
#
_entry.id   5NNU
#
_cell.length_a   82.100
_cell.length_b   70.800
_cell.length_c   140.250
_cell.angle_alpha   90.000
_cell.angle_beta   94.360
_cell.angle_gamma   90.000
#
_symmetry.space_group_name_H-M   'P 1 21 1'
#
loop_
_entity.id
_entity.type
_entity.pdbx_description
1 polymer 'DNA containing an abasic site'
2 polymer 'Uracil-DNA glycosylase'
3 polymer DNA
4 water water
#
loop_
_entity_poly.entity_id
_entity_poly.type
_entity_poly.pdbx_seq_one_letter_code
_entity_poly.pdbx_strand_id
1 'polydeoxyribonucleotide' (DA)(DA)(DT)(DG)(DT)(AAB)(DA)(DT)(DC)(DT)(DT) S,U,W,Y
2 'polypeptide(L)'
;SASGVDDRDLLLAPKWISFLSLSSFLKQKLLSLLRQIRELRLTTTVYPPQDKLMWWSHCCDPEDIKVVILGQDPYHKGQA
TGLAFSVDPQCQVPPSLRSIFRELEASVPNFSTPSHGCLDSWARQGVLLLNTVLTVEKGRAGSHEGLGWDWFTSFIISSI
SSKLEHCVFLLWGRKAIDRTPLINAQKHLVLTAQHPSPLASLGGRHSRWPRFQGCNHFNLANDYLTRHRRETVDWGLLEQ
;
A,B,D,E
3 'polydeoxyribonucleotide' (DA)(DA)(DG)(DA)(DT)(DA)(DA)(DC)(DA)(DT)(DT) T,V,X,Z
#
loop_
_chem_comp.id
_chem_comp.type
_chem_comp.name
_chem_comp.formula
AAB DNA linking 2'-DEOXY-RIBOFURANOSE-5'-MONOPHOSPHATE 'C5 H11 O7 P'
DA DNA linking 2'-DEOXYADENOSINE-5'-MONOPHOSPHATE 'C10 H14 N5 O6 P'
DC DNA linking 2'-DEOXYCYTIDINE-5'-MONOPHOSPHATE 'C9 H14 N3 O7 P'
DG DNA linking 2'-DEOXYGUANOSINE-5'-MONOPHOSPHATE 'C10 H14 N5 O7 P'
DT DNA linking THYMIDINE-5'-MONOPHOSPHATE 'C10 H15 N2 O8 P'
#
# COMPACT_ATOMS: atom_id res chain seq x y z
P AAB A 6 -28.25 -17.62 9.85
O1P AAB A 6 -29.21 -16.64 9.39
O2P AAB A 6 -28.51 -18.35 11.06
O5' AAB A 6 -26.85 -16.89 9.98
C5' AAB A 6 -25.62 -17.59 10.28
C4' AAB A 6 -24.44 -16.75 9.84
O4' AAB A 6 -24.55 -15.44 10.42
C1' AAB A 6 -23.54 -15.24 11.38
O1' AAB A 6 -24.10 -15.77 12.59
C2' AAB A 6 -22.40 -16.13 10.99
C3' AAB A 6 -23.06 -17.27 10.23
O3' AAB A 6 -22.31 -17.70 9.09
N ASP B 6 -13.14 12.96 23.42
CA ASP B 6 -14.01 12.51 24.51
C ASP B 6 -14.50 11.07 24.29
N ASP B 7 -14.48 10.27 25.37
CA ASP B 7 -14.90 8.86 25.43
C ASP B 7 -16.30 8.58 24.87
N ARG B 8 -17.07 9.66 24.65
CA ARG B 8 -18.42 9.63 24.06
C ARG B 8 -18.36 9.02 22.67
N ASP B 9 -17.28 9.33 21.92
CA ASP B 9 -17.07 8.81 20.57
C ASP B 9 -16.63 7.33 20.54
N LEU B 10 -16.23 6.75 21.70
CA LEU B 10 -15.82 5.35 21.64
C LEU B 10 -16.98 4.38 21.62
N LEU B 11 -18.23 4.88 21.74
CA LEU B 11 -19.49 4.11 21.67
C LEU B 11 -19.67 3.02 22.74
N LEU B 12 -18.64 2.76 23.57
CA LEU B 12 -18.67 1.80 24.67
C LEU B 12 -19.47 2.43 25.82
N ALA B 13 -20.22 1.60 26.58
CA ALA B 13 -20.94 2.03 27.77
C ALA B 13 -19.87 2.43 28.82
N PRO B 14 -20.16 3.42 29.71
CA PRO B 14 -19.13 3.94 30.66
C PRO B 14 -18.38 2.94 31.55
N LYS B 15 -19.09 1.90 32.08
CA LYS B 15 -18.58 0.83 32.91
C LYS B 15 -17.50 0.03 32.19
N TRP B 16 -17.66 -0.14 30.87
CA TRP B 16 -16.72 -0.86 30.03
C TRP B 16 -15.52 0.01 29.70
N ILE B 17 -15.76 1.31 29.37
CA ILE B 17 -14.72 2.31 29.06
C ILE B 17 -13.70 2.40 30.23
N SER B 18 -14.20 2.18 31.48
CA SER B 18 -13.46 2.15 32.74
C SER B 18 -12.77 0.79 32.92
N PHE B 19 -13.55 -0.30 32.87
CA PHE B 19 -13.07 -1.67 33.04
C PHE B 19 -11.89 -2.00 32.13
N LEU B 20 -12.09 -1.90 30.81
CA LEU B 20 -11.06 -2.18 29.82
C LEU B 20 -9.81 -1.31 30.01
N SER B 21 -10.02 -0.03 30.40
CA SER B 21 -8.96 0.97 30.63
C SER B 21 -7.99 1.01 29.45
N LEU B 22 -8.51 1.35 28.26
CA LEU B 22 -7.75 1.45 27.01
C LEU B 22 -6.73 2.57 27.07
N SER B 23 -5.55 2.36 26.44
CA SER B 23 -4.52 3.38 26.36
C SER B 23 -4.95 4.47 25.35
N SER B 24 -4.32 5.66 25.42
CA SER B 24 -4.59 6.73 24.47
C SER B 24 -4.42 6.19 23.01
N PHE B 25 -3.30 5.47 22.77
CA PHE B 25 -2.93 4.84 21.49
C PHE B 25 -4.04 3.93 20.96
N LEU B 26 -4.63 3.10 21.84
CA LEU B 26 -5.69 2.16 21.48
C LEU B 26 -7.03 2.84 21.27
N LYS B 27 -7.32 3.91 22.05
CA LYS B 27 -8.53 4.71 21.90
C LYS B 27 -8.52 5.36 20.53
N GLN B 28 -7.35 5.82 20.07
CA GLN B 28 -7.21 6.39 18.73
C GLN B 28 -7.32 5.31 17.64
N LYS B 29 -6.87 4.06 17.93
CA LYS B 29 -6.96 2.92 17.00
C LYS B 29 -8.46 2.55 16.83
N LEU B 30 -9.24 2.57 17.95
CA LEU B 30 -10.68 2.29 17.92
C LEU B 30 -11.43 3.40 17.21
N LEU B 31 -11.06 4.68 17.47
CA LEU B 31 -11.69 5.84 16.83
C LEU B 31 -11.46 5.86 15.32
N SER B 32 -10.26 5.41 14.86
CA SER B 32 -9.90 5.35 13.44
C SER B 32 -10.72 4.26 12.73
N LEU B 33 -10.94 3.12 13.42
CA LEU B 33 -11.73 2.00 12.89
C LEU B 33 -13.19 2.43 12.71
N LEU B 34 -13.77 3.07 13.72
CA LEU B 34 -15.15 3.56 13.71
C LEU B 34 -15.35 4.60 12.60
N ARG B 35 -14.37 5.50 12.39
CA ARG B 35 -14.39 6.51 11.32
C ARG B 35 -14.28 5.81 9.95
N GLN B 36 -13.53 4.68 9.86
CA GLN B 36 -13.39 3.89 8.63
C GLN B 36 -14.73 3.24 8.25
N ILE B 37 -15.48 2.71 9.26
CA ILE B 37 -16.81 2.09 9.11
C ILE B 37 -17.85 3.16 8.70
N ARG B 38 -17.72 4.40 9.23
CA ARG B 38 -18.60 5.52 8.89
C ARG B 38 -18.46 5.83 7.39
N GLU B 39 -17.20 5.83 6.91
CA GLU B 39 -16.84 6.10 5.51
C GLU B 39 -17.40 5.00 4.61
N LEU B 40 -17.30 3.72 5.06
CA LEU B 40 -17.76 2.55 4.33
C LEU B 40 -19.27 2.59 4.07
N ARG B 41 -20.04 3.16 5.03
CA ARG B 41 -21.50 3.29 5.01
C ARG B 41 -22.04 4.25 3.95
N LEU B 42 -21.20 5.17 3.44
CA LEU B 42 -21.58 6.09 2.35
C LEU B 42 -21.71 5.29 1.06
N THR B 43 -20.78 4.32 0.86
CA THR B 43 -20.70 3.41 -0.29
C THR B 43 -21.63 2.18 -0.10
N THR B 44 -21.18 1.16 0.69
CA THR B 44 -21.93 -0.08 0.95
C THR B 44 -22.83 0.03 2.21
N THR B 45 -23.52 -1.09 2.58
CA THR B 45 -24.37 -1.18 3.77
C THR B 45 -23.71 -2.06 4.80
N VAL B 46 -23.49 -1.52 6.00
CA VAL B 46 -22.85 -2.24 7.10
C VAL B 46 -23.86 -2.59 8.20
N TYR B 47 -23.80 -3.83 8.69
CA TYR B 47 -24.66 -4.28 9.80
C TYR B 47 -23.77 -4.57 10.99
N PRO B 48 -24.16 -4.24 12.23
CA PRO B 48 -25.35 -3.50 12.68
C PRO B 48 -25.19 -1.98 12.50
N PRO B 49 -26.25 -1.13 12.64
CA PRO B 49 -26.02 0.32 12.57
C PRO B 49 -24.99 0.80 13.61
N GLN B 50 -24.33 1.95 13.36
CA GLN B 50 -23.28 2.49 14.25
C GLN B 50 -23.69 2.56 15.70
N ASP B 51 -24.91 3.08 15.98
CA ASP B 51 -25.47 3.19 17.33
C ASP B 51 -25.55 1.85 18.11
N LYS B 52 -25.83 0.73 17.40
CA LYS B 52 -26.00 -0.59 17.97
C LYS B 52 -24.72 -1.46 17.96
N LEU B 53 -23.53 -0.88 17.67
CA LEU B 53 -22.27 -1.65 17.63
C LEU B 53 -21.85 -2.24 18.98
N MET B 54 -21.88 -1.39 20.00
CA MET B 54 -21.48 -1.74 21.35
C MET B 54 -22.71 -2.01 22.22
N TRP B 55 -23.79 -2.54 21.60
CA TRP B 55 -25.02 -2.81 22.32
C TRP B 55 -24.80 -3.81 23.49
N TRP B 56 -23.96 -4.83 23.26
CA TRP B 56 -23.57 -5.85 24.25
C TRP B 56 -22.94 -5.22 25.51
N SER B 57 -22.38 -3.98 25.37
CA SER B 57 -21.74 -3.28 26.46
C SER B 57 -22.74 -2.51 27.33
N HIS B 58 -23.91 -2.16 26.76
CA HIS B 58 -24.99 -1.43 27.45
C HIS B 58 -25.80 -2.36 28.32
N CYS B 59 -25.96 -3.60 27.88
CA CYS B 59 -26.73 -4.59 28.61
C CYS B 59 -25.92 -5.10 29.77
N CYS B 60 -24.80 -5.76 29.44
CA CYS B 60 -23.91 -6.45 30.36
C CYS B 60 -22.93 -5.54 31.09
N ASP B 61 -22.86 -5.68 32.42
CA ASP B 61 -21.88 -4.95 33.23
C ASP B 61 -20.62 -5.82 33.30
N PRO B 62 -19.42 -5.20 33.20
CA PRO B 62 -18.17 -6.00 33.17
C PRO B 62 -17.88 -6.87 34.40
N GLU B 63 -18.11 -6.33 35.60
CA GLU B 63 -17.89 -7.06 36.85
C GLU B 63 -18.87 -8.22 37.10
N ASP B 64 -20.09 -8.13 36.52
CA ASP B 64 -21.18 -9.09 36.65
C ASP B 64 -21.12 -10.35 35.77
N ILE B 65 -20.26 -10.35 34.72
CA ILE B 65 -20.12 -11.46 33.76
C ILE B 65 -20.00 -12.81 34.44
N LYS B 66 -20.85 -13.76 34.01
CA LYS B 66 -20.93 -15.16 34.44
C LYS B 66 -20.44 -16.08 33.29
N VAL B 67 -21.03 -15.89 32.10
CA VAL B 67 -20.73 -16.68 30.91
C VAL B 67 -20.38 -15.72 29.73
N VAL B 68 -19.43 -16.14 28.86
CA VAL B 68 -19.02 -15.39 27.66
C VAL B 68 -19.32 -16.25 26.46
N ILE B 69 -20.31 -15.88 25.64
CA ILE B 69 -20.62 -16.62 24.41
C ILE B 69 -19.94 -15.87 23.26
N LEU B 70 -19.06 -16.55 22.53
CA LEU B 70 -18.32 -15.92 21.44
C LEU B 70 -18.66 -16.50 20.07
N GLY B 71 -19.35 -15.71 19.25
CA GLY B 71 -19.73 -16.09 17.89
C GLY B 71 -18.68 -15.75 16.83
N GLN B 72 -19.08 -15.83 15.54
CA GLN B 72 -18.20 -15.54 14.40
C GLN B 72 -18.29 -14.05 14.05
N ASP B 73 -19.45 -13.59 13.51
CA ASP B 73 -19.73 -12.21 13.14
C ASP B 73 -21.25 -11.93 13.11
N PRO B 74 -21.73 -10.66 13.01
CA PRO B 74 -23.19 -10.42 13.03
C PRO B 74 -23.98 -11.09 11.92
N TYR B 75 -25.34 -11.14 12.05
CA TYR B 75 -26.20 -11.66 11.00
C TYR B 75 -26.14 -10.66 9.85
N HIS B 76 -26.29 -11.12 8.61
CA HIS B 76 -26.14 -10.26 7.43
C HIS B 76 -27.42 -10.06 6.59
N LYS B 77 -28.61 -10.33 7.15
CA LYS B 77 -29.86 -10.13 6.40
C LYS B 77 -30.70 -8.96 6.95
N GLY B 78 -30.05 -8.12 7.76
CA GLY B 78 -30.64 -6.95 8.40
C GLY B 78 -31.18 -7.19 9.80
N GLN B 79 -30.98 -8.40 10.37
CA GLN B 79 -31.54 -8.69 11.69
C GLN B 79 -30.52 -8.56 12.88
N ALA B 80 -29.26 -8.18 12.60
CA ALA B 80 -28.23 -7.98 13.63
C ALA B 80 -28.59 -6.82 14.58
N THR B 81 -28.55 -7.04 15.92
CA THR B 81 -28.93 -6.08 16.97
C THR B 81 -27.76 -5.46 17.79
N GLY B 82 -26.57 -6.00 17.67
CA GLY B 82 -25.41 -5.53 18.43
C GLY B 82 -25.06 -6.47 19.57
N LEU B 83 -25.98 -7.36 19.89
CA LEU B 83 -25.82 -8.38 20.91
C LEU B 83 -25.82 -9.70 20.10
N ALA B 84 -24.67 -10.44 20.07
CA ALA B 84 -24.49 -11.67 19.28
C ALA B 84 -25.67 -12.65 19.34
N PHE B 85 -26.10 -13.18 18.18
CA PHE B 85 -27.19 -14.15 18.02
C PHE B 85 -28.61 -13.68 18.43
N SER B 86 -28.78 -12.43 18.91
CA SER B 86 -30.07 -11.89 19.40
C SER B 86 -30.73 -11.15 18.22
N VAL B 87 -32.06 -11.18 18.17
CA VAL B 87 -32.86 -10.47 17.17
C VAL B 87 -33.93 -9.62 17.87
N ASP B 88 -34.56 -8.70 17.15
CA ASP B 88 -35.61 -7.87 17.71
C ASP B 88 -36.88 -8.72 17.92
N PRO B 89 -37.70 -8.45 18.96
CA PRO B 89 -38.91 -9.27 19.19
C PRO B 89 -39.91 -9.33 18.03
N GLN B 90 -39.95 -8.33 17.14
CA GLN B 90 -40.84 -8.38 15.98
C GLN B 90 -40.19 -9.19 14.85
N CYS B 91 -38.87 -9.34 14.95
CA CYS B 91 -38.05 -10.02 13.97
C CYS B 91 -38.06 -11.54 14.12
N GLN B 92 -38.11 -12.23 12.96
CA GLN B 92 -38.13 -13.68 12.79
C GLN B 92 -36.80 -14.34 13.20
N VAL B 93 -36.88 -15.29 14.14
CA VAL B 93 -35.77 -16.07 14.70
C VAL B 93 -34.93 -16.73 13.58
N PRO B 94 -33.63 -16.36 13.42
CA PRO B 94 -32.81 -16.95 12.35
C PRO B 94 -32.39 -18.40 12.64
N PRO B 95 -31.96 -19.15 11.58
CA PRO B 95 -31.52 -20.55 11.78
C PRO B 95 -30.55 -20.85 12.93
N SER B 96 -29.54 -19.99 13.14
CA SER B 96 -28.54 -20.14 14.19
C SER B 96 -29.19 -20.14 15.56
N LEU B 97 -30.13 -19.21 15.75
CA LEU B 97 -30.85 -19.06 17.00
C LEU B 97 -31.82 -20.23 17.20
N ARG B 98 -32.35 -20.79 16.11
CA ARG B 98 -33.23 -21.96 16.19
C ARG B 98 -32.46 -23.16 16.78
N SER B 99 -31.22 -23.40 16.31
CA SER B 99 -30.34 -24.47 16.76
C SER B 99 -29.99 -24.36 18.24
N ILE B 100 -29.79 -23.10 18.73
CA ILE B 100 -29.44 -22.80 20.13
C ILE B 100 -30.63 -23.20 21.00
N PHE B 101 -31.83 -22.78 20.58
CA PHE B 101 -33.06 -23.06 21.29
C PHE B 101 -33.39 -24.53 21.33
N ARG B 102 -33.01 -25.27 20.28
CA ARG B 102 -33.18 -26.72 20.13
C ARG B 102 -32.29 -27.46 21.15
N GLU B 103 -31.03 -27.02 21.33
CA GLU B 103 -30.09 -27.60 22.28
C GLU B 103 -30.49 -27.26 23.72
N LEU B 104 -31.13 -26.09 23.90
CA LEU B 104 -31.62 -25.69 25.22
C LEU B 104 -32.83 -26.53 25.59
N GLU B 105 -33.75 -26.75 24.62
CA GLU B 105 -34.95 -27.58 24.75
C GLU B 105 -34.55 -29.00 25.18
N ALA B 106 -33.56 -29.57 24.47
CA ALA B 106 -33.05 -30.91 24.71
C ALA B 106 -32.30 -31.10 26.04
N SER B 107 -31.54 -30.06 26.51
CA SER B 107 -30.71 -30.14 27.71
C SER B 107 -31.33 -29.58 29.00
N VAL B 108 -31.74 -28.28 28.99
CA VAL B 108 -32.28 -27.55 30.15
C VAL B 108 -33.67 -28.06 30.52
N PRO B 109 -33.81 -28.47 31.82
CA PRO B 109 -35.05 -29.09 32.29
C PRO B 109 -36.37 -28.33 32.09
N ASN B 110 -36.47 -27.06 32.53
CA ASN B 110 -37.76 -26.39 32.38
C ASN B 110 -37.78 -25.40 31.22
N PHE B 111 -36.84 -25.54 30.28
CA PHE B 111 -36.78 -24.68 29.11
C PHE B 111 -37.86 -25.02 28.09
N SER B 112 -38.43 -23.97 27.49
CA SER B 112 -39.41 -24.04 26.39
C SER B 112 -39.02 -22.94 25.40
N THR B 113 -38.90 -23.27 24.10
CA THR B 113 -38.51 -22.33 23.05
C THR B 113 -39.51 -21.18 22.92
N PRO B 114 -39.02 -19.92 23.01
CA PRO B 114 -39.93 -18.77 22.91
C PRO B 114 -40.30 -18.39 21.47
N SER B 115 -41.38 -17.60 21.31
CA SER B 115 -41.86 -17.07 20.02
C SER B 115 -40.92 -15.97 19.50
N HIS B 116 -40.32 -15.18 20.43
CA HIS B 116 -39.42 -14.02 20.22
C HIS B 116 -37.95 -14.37 20.48
N GLY B 117 -37.04 -13.76 19.72
CA GLY B 117 -35.62 -14.05 19.85
C GLY B 117 -34.74 -12.98 20.45
N CYS B 118 -35.21 -12.29 21.49
CA CYS B 118 -34.43 -11.24 22.11
C CYS B 118 -33.72 -11.75 23.34
N LEU B 119 -32.38 -11.82 23.28
CA LEU B 119 -31.52 -12.35 24.33
C LEU B 119 -31.07 -11.30 25.36
N ASP B 120 -31.73 -10.12 25.38
CA ASP B 120 -31.44 -9.03 26.32
C ASP B 120 -31.48 -9.51 27.78
N SER B 121 -32.44 -10.40 28.10
CA SER B 121 -32.58 -11.02 29.41
C SER B 121 -31.29 -11.73 29.86
N TRP B 122 -30.62 -12.45 28.93
CA TRP B 122 -29.40 -13.19 29.28
C TRP B 122 -28.29 -12.23 29.63
N ALA B 123 -28.20 -11.11 28.89
CA ALA B 123 -27.19 -10.10 29.16
C ALA B 123 -27.41 -9.48 30.56
N ARG B 124 -28.65 -9.22 30.95
CA ARG B 124 -28.93 -8.68 32.27
C ARG B 124 -28.57 -9.70 33.39
N GLN B 125 -28.40 -10.97 33.01
CA GLN B 125 -28.07 -12.05 33.95
C GLN B 125 -26.57 -12.33 34.01
N GLY B 126 -25.78 -11.63 33.19
CA GLY B 126 -24.32 -11.76 33.14
C GLY B 126 -23.80 -12.57 31.97
N VAL B 127 -24.58 -12.63 30.86
CA VAL B 127 -24.14 -13.37 29.67
C VAL B 127 -23.65 -12.41 28.59
N LEU B 128 -22.33 -12.46 28.28
CA LEU B 128 -21.77 -11.56 27.26
C LEU B 128 -21.86 -12.20 25.90
N LEU B 129 -22.69 -11.64 25.04
CA LEU B 129 -22.88 -12.17 23.69
C LEU B 129 -22.06 -11.31 22.71
N LEU B 130 -20.84 -11.76 22.48
CA LEU B 130 -19.83 -11.09 21.67
C LEU B 130 -19.49 -11.90 20.42
N ASN B 131 -19.10 -11.21 19.34
CA ASN B 131 -18.66 -11.83 18.09
C ASN B 131 -17.19 -11.47 17.88
N THR B 132 -16.42 -12.32 17.17
CA THR B 132 -15.02 -12.02 16.90
C THR B 132 -14.89 -10.74 16.06
N VAL B 133 -15.87 -10.49 15.16
CA VAL B 133 -15.88 -9.28 14.36
C VAL B 133 -17.25 -8.60 14.60
N LEU B 134 -17.26 -7.30 14.93
CA LEU B 134 -18.48 -6.59 15.33
C LEU B 134 -19.33 -5.97 14.20
N THR B 135 -18.88 -6.09 12.93
CA THR B 135 -19.59 -5.60 11.74
C THR B 135 -19.56 -6.61 10.60
N VAL B 136 -20.42 -6.42 9.59
CA VAL B 136 -20.51 -7.27 8.41
C VAL B 136 -21.06 -6.48 7.21
N GLU B 137 -20.54 -6.74 5.98
CA GLU B 137 -21.03 -6.13 4.72
C GLU B 137 -22.37 -6.85 4.43
N LYS B 138 -23.40 -6.10 3.98
CA LYS B 138 -24.75 -6.64 3.68
C LYS B 138 -24.75 -7.78 2.68
N GLY B 139 -25.10 -8.98 3.15
CA GLY B 139 -25.20 -10.20 2.35
C GLY B 139 -24.00 -11.14 2.43
N SER B 143 -18.24 -10.21 4.36
CA SER B 143 -17.36 -10.53 5.48
C SER B 143 -16.30 -9.47 5.76
N HIS B 144 -16.12 -9.16 7.07
CA HIS B 144 -15.20 -8.16 7.58
C HIS B 144 -13.97 -8.73 8.36
N GLU B 145 -13.36 -9.83 7.83
CA GLU B 145 -12.18 -10.47 8.42
C GLU B 145 -10.94 -9.63 8.15
N LEU B 147 -11.16 -6.24 7.90
CA LEU B 147 -11.51 -4.91 8.38
C LEU B 147 -10.60 -4.46 9.54
N GLY B 148 -10.51 -5.29 10.59
CA GLY B 148 -9.64 -5.01 11.73
C GLY B 148 -10.29 -4.88 13.09
N TRP B 149 -11.26 -5.75 13.41
CA TRP B 149 -11.90 -5.77 14.74
C TRP B 149 -11.12 -6.72 15.66
N ASP B 150 -10.42 -7.73 15.05
CA ASP B 150 -9.68 -8.79 15.72
C ASP B 150 -9.01 -8.39 17.02
N TRP B 151 -8.26 -7.27 17.02
CA TRP B 151 -7.51 -6.79 18.18
C TRP B 151 -8.39 -6.37 19.36
N PHE B 152 -9.53 -5.77 19.08
CA PHE B 152 -10.42 -5.27 20.11
C PHE B 152 -11.14 -6.41 20.80
N THR B 153 -11.76 -7.33 20.01
CA THR B 153 -12.44 -8.48 20.59
C THR B 153 -11.45 -9.37 21.37
N SER B 154 -10.18 -9.46 20.91
CA SER B 154 -9.12 -10.16 21.63
C SER B 154 -8.85 -9.42 22.95
N PHE B 155 -8.76 -8.06 22.93
CA PHE B 155 -8.53 -7.20 24.10
C PHE B 155 -9.61 -7.39 25.16
N ILE B 156 -10.86 -7.55 24.72
CA ILE B 156 -11.97 -7.77 25.61
C ILE B 156 -11.81 -9.12 26.34
N ILE B 157 -11.60 -10.21 25.58
CA ILE B 157 -11.40 -11.57 26.13
C ILE B 157 -10.19 -11.63 27.07
N SER B 158 -9.04 -11.08 26.65
CA SER B 158 -7.83 -11.02 27.48
C SER B 158 -8.14 -10.28 28.77
N SER B 159 -8.94 -9.17 28.67
CA SER B 159 -9.32 -8.35 29.82
C SER B 159 -10.27 -9.07 30.79
N ILE B 160 -11.27 -9.82 30.27
CA ILE B 160 -12.19 -10.59 31.11
C ILE B 160 -11.39 -11.69 31.82
N SER B 161 -10.57 -12.45 31.06
CA SER B 161 -9.78 -13.54 31.57
C SER B 161 -8.82 -13.13 32.72
N SER B 162 -8.17 -11.95 32.64
CA SER B 162 -7.24 -11.57 33.72
C SER B 162 -7.88 -10.82 34.89
N LYS B 163 -8.91 -9.98 34.64
CA LYS B 163 -9.54 -9.17 35.69
C LYS B 163 -10.57 -9.97 36.52
N LEU B 164 -11.47 -10.72 35.87
CA LEU B 164 -12.48 -11.56 36.53
C LEU B 164 -11.99 -12.97 36.85
N GLU B 165 -12.67 -13.63 37.79
CA GLU B 165 -12.41 -15.01 38.21
C GLU B 165 -13.61 -15.92 37.94
N HIS B 166 -13.35 -17.23 37.74
CA HIS B 166 -14.36 -18.29 37.59
C HIS B 166 -15.55 -17.97 36.65
N CYS B 167 -15.27 -17.68 35.36
CA CYS B 167 -16.27 -17.43 34.29
C CYS B 167 -16.22 -18.61 33.33
N VAL B 168 -17.28 -18.79 32.54
CA VAL B 168 -17.35 -19.84 31.52
C VAL B 168 -17.25 -19.16 30.15
N PHE B 169 -16.45 -19.71 29.23
CA PHE B 169 -16.28 -19.17 27.87
C PHE B 169 -16.78 -20.18 26.87
N LEU B 170 -17.93 -19.92 26.26
CA LEU B 170 -18.48 -20.81 25.23
C LEU B 170 -18.02 -20.31 23.84
N LEU B 171 -17.14 -21.08 23.14
CA LEU B 171 -16.63 -20.68 21.84
C LEU B 171 -17.32 -21.47 20.74
N TRP B 172 -18.01 -20.80 19.81
CA TRP B 172 -18.71 -21.50 18.74
C TRP B 172 -18.15 -21.19 17.33
N GLY B 173 -17.71 -22.25 16.65
CA GLY B 173 -17.13 -22.13 15.32
C GLY B 173 -15.62 -22.00 15.37
N ARG B 174 -14.93 -22.15 14.22
CA ARG B 174 -13.48 -22.08 14.24
C ARG B 174 -12.92 -20.64 14.36
N LYS B 175 -13.68 -19.59 14.01
CA LYS B 175 -13.20 -18.21 14.22
C LYS B 175 -13.19 -17.87 15.71
N ALA B 176 -14.10 -18.45 16.50
CA ALA B 176 -14.18 -18.32 17.97
C ALA B 176 -13.08 -19.17 18.66
N ILE B 177 -12.94 -20.43 18.23
CA ILE B 177 -12.02 -21.42 18.77
C ILE B 177 -10.59 -20.88 18.76
N ASP B 178 -10.22 -20.11 17.72
CA ASP B 178 -8.92 -19.47 17.57
C ASP B 178 -8.57 -18.53 18.73
N ARG B 179 -9.57 -18.06 19.49
CA ARG B 179 -9.35 -17.18 20.65
C ARG B 179 -8.96 -17.94 21.93
N THR B 180 -9.00 -19.31 21.85
CA THR B 180 -8.66 -20.26 22.91
C THR B 180 -7.39 -19.89 23.71
N PRO B 181 -6.23 -19.50 23.11
CA PRO B 181 -5.05 -19.20 23.95
C PRO B 181 -5.13 -17.92 24.76
N LEU B 182 -6.15 -17.08 24.52
CA LEU B 182 -6.29 -15.82 25.26
C LEU B 182 -6.87 -16.07 26.65
N ILE B 183 -7.70 -17.12 26.77
CA ILE B 183 -8.36 -17.46 28.02
C ILE B 183 -7.46 -18.31 28.89
N ASN B 184 -7.29 -17.88 30.17
CA ASN B 184 -6.54 -18.58 31.20
C ASN B 184 -7.35 -19.79 31.72
N ALA B 185 -7.05 -20.98 31.17
CA ALA B 185 -7.73 -22.23 31.51
C ALA B 185 -7.68 -22.58 33.00
N GLN B 186 -6.64 -22.13 33.73
CA GLN B 186 -6.50 -22.39 35.15
C GLN B 186 -7.47 -21.56 36.02
N LYS B 187 -8.14 -20.55 35.43
CA LYS B 187 -9.03 -19.61 36.14
C LYS B 187 -10.48 -19.73 35.72
N HIS B 188 -10.69 -20.10 34.46
CA HIS B 188 -11.98 -20.15 33.83
C HIS B 188 -12.20 -21.45 33.10
N LEU B 189 -13.48 -21.74 32.75
CA LEU B 189 -13.86 -22.91 31.97
C LEU B 189 -14.03 -22.53 30.49
N VAL B 190 -13.42 -23.31 29.61
CA VAL B 190 -13.47 -23.08 28.15
C VAL B 190 -14.13 -24.29 27.46
N LEU B 191 -15.27 -24.05 26.81
CA LEU B 191 -16.01 -25.10 26.10
C LEU B 191 -16.13 -24.73 24.61
N THR B 192 -15.67 -25.64 23.72
CA THR B 192 -15.67 -25.42 22.26
C THR B 192 -16.62 -26.36 21.56
N ALA B 193 -17.25 -25.86 20.50
CA ALA B 193 -18.18 -26.58 19.63
C ALA B 193 -18.25 -25.88 18.27
N GLN B 194 -18.71 -26.62 17.23
CA GLN B 194 -18.92 -26.06 15.89
C GLN B 194 -20.04 -25.01 15.99
N HIS B 195 -20.10 -24.05 15.04
CA HIS B 195 -21.08 -22.95 15.03
C HIS B 195 -22.54 -23.45 14.95
N PRO B 196 -23.53 -22.84 15.67
CA PRO B 196 -24.93 -23.31 15.57
C PRO B 196 -25.56 -23.26 14.18
N SER B 197 -25.02 -22.46 13.24
CA SER B 197 -25.57 -22.36 11.88
C SER B 197 -25.71 -23.72 11.18
N PRO B 198 -26.81 -23.99 10.42
CA PRO B 198 -26.91 -25.29 9.72
C PRO B 198 -25.73 -25.59 8.79
N LEU B 199 -25.15 -24.54 8.15
CA LEU B 199 -23.98 -24.67 7.26
C LEU B 199 -22.76 -25.28 7.93
N ALA B 200 -22.66 -25.17 9.26
CA ALA B 200 -21.58 -25.78 10.02
C ALA B 200 -21.69 -27.32 10.09
N SER B 201 -22.84 -27.90 9.67
CA SER B 201 -23.04 -29.35 9.67
C SER B 201 -22.58 -29.88 8.33
N LEU B 202 -22.51 -28.97 7.30
CA LEU B 202 -22.07 -29.27 5.94
C LEU B 202 -20.54 -29.25 5.91
N GLY B 203 -19.93 -28.11 6.19
CA GLY B 203 -18.48 -28.04 6.30
C GLY B 203 -18.15 -28.58 7.67
N GLY B 204 -17.21 -29.49 7.76
CA GLY B 204 -16.94 -30.09 9.06
C GLY B 204 -17.93 -31.17 9.45
N ARG B 205 -18.11 -32.10 8.53
CA ARG B 205 -18.93 -33.29 8.74
C ARG B 205 -17.92 -34.36 9.15
N HIS B 206 -16.66 -34.09 8.81
CA HIS B 206 -15.51 -34.96 9.12
C HIS B 206 -14.60 -34.23 10.11
N SER B 207 -15.12 -33.14 10.69
CA SER B 207 -14.40 -32.31 11.65
C SER B 207 -14.13 -33.01 12.94
N ARG B 208 -12.96 -32.73 13.54
N ARG B 208 -12.96 -32.73 13.54
CA ARG B 208 -12.54 -33.29 14.81
CA ARG B 208 -12.54 -33.29 14.81
C ARG B 208 -13.13 -32.49 15.98
C ARG B 208 -13.13 -32.49 15.98
N TRP B 209 -13.67 -31.28 15.70
CA TRP B 209 -14.33 -30.40 16.68
C TRP B 209 -15.72 -30.94 17.01
N PRO B 210 -16.18 -30.79 18.29
CA PRO B 210 -17.50 -31.32 18.64
C PRO B 210 -18.63 -30.57 17.95
N ARG B 211 -19.70 -31.32 17.54
CA ARG B 211 -20.89 -30.78 16.89
C ARG B 211 -21.66 -29.97 17.92
N PHE B 212 -22.30 -28.88 17.47
CA PHE B 212 -23.09 -28.04 18.38
C PHE B 212 -24.25 -28.86 18.95
N GLN B 213 -24.95 -29.67 18.11
CA GLN B 213 -26.03 -30.52 18.58
C GLN B 213 -25.45 -31.55 19.54
N GLY B 214 -25.94 -31.52 20.77
CA GLY B 214 -25.54 -32.42 21.85
C GLY B 214 -24.36 -31.96 22.70
N CYS B 215 -23.81 -30.74 22.43
CA CYS B 215 -22.68 -30.20 23.17
C CYS B 215 -22.98 -29.98 24.67
N ASN B 216 -24.27 -29.70 25.02
CA ASN B 216 -24.75 -29.51 26.40
C ASN B 216 -24.04 -28.35 27.17
N HIS B 217 -23.57 -27.32 26.46
CA HIS B 217 -22.84 -26.17 27.02
C HIS B 217 -23.56 -25.42 28.12
N PHE B 218 -24.88 -25.25 27.97
CA PHE B 218 -25.71 -24.50 28.88
C PHE B 218 -25.74 -25.12 30.26
N ASN B 219 -26.00 -26.44 30.37
CA ASN B 219 -26.00 -27.06 31.71
C ASN B 219 -24.61 -27.06 32.28
N LEU B 220 -23.64 -27.41 31.44
CA LEU B 220 -22.23 -27.48 31.83
C LEU B 220 -21.71 -26.19 32.43
N ALA B 221 -22.12 -25.04 31.86
CA ALA B 221 -21.75 -23.71 32.34
C ALA B 221 -22.34 -23.49 33.74
N ASN B 222 -23.63 -23.83 33.92
CA ASN B 222 -24.36 -23.68 35.18
C ASN B 222 -23.75 -24.52 36.31
N ASP B 223 -23.24 -25.74 35.99
CA ASP B 223 -22.62 -26.67 36.95
C ASP B 223 -21.33 -26.06 37.50
N TYR B 224 -20.54 -25.43 36.60
CA TYR B 224 -19.28 -24.76 36.90
C TYR B 224 -19.54 -23.59 37.86
N LEU B 225 -20.56 -22.74 37.53
CA LEU B 225 -20.96 -21.58 38.35
C LEU B 225 -21.45 -22.04 39.74
N THR B 226 -22.30 -23.10 39.80
CA THR B 226 -22.83 -23.69 41.04
C THR B 226 -21.64 -24.17 41.90
N ARG B 227 -20.68 -24.90 41.28
CA ARG B 227 -19.47 -25.44 41.92
C ARG B 227 -18.58 -24.36 42.52
N HIS B 228 -18.49 -23.20 41.84
CA HIS B 228 -17.69 -22.05 42.26
C HIS B 228 -18.51 -21.01 43.04
N ARG B 229 -19.60 -21.48 43.69
CA ARG B 229 -20.53 -20.71 44.53
C ARG B 229 -20.97 -19.36 43.90
N ARG B 230 -21.29 -19.39 42.61
CA ARG B 230 -21.79 -18.24 41.84
C ARG B 230 -23.27 -18.51 41.48
N GLU B 231 -24.04 -17.45 41.20
CA GLU B 231 -25.45 -17.61 40.81
C GLU B 231 -25.51 -18.18 39.38
N THR B 232 -26.52 -19.01 39.08
CA THR B 232 -26.66 -19.61 37.74
C THR B 232 -27.34 -18.67 36.72
N VAL B 233 -27.31 -19.07 35.45
CA VAL B 233 -27.99 -18.34 34.37
C VAL B 233 -29.31 -19.06 34.13
N ASP B 234 -30.44 -18.32 34.21
CA ASP B 234 -31.77 -18.88 33.97
C ASP B 234 -32.05 -18.64 32.50
N TRP B 235 -31.65 -19.60 31.69
CA TRP B 235 -31.72 -19.59 30.23
C TRP B 235 -33.14 -19.47 29.71
N GLY B 236 -34.08 -20.03 30.47
CA GLY B 236 -35.51 -20.04 30.16
C GLY B 236 -36.23 -18.74 30.42
N LEU B 237 -35.58 -17.80 31.14
CA LEU B 237 -36.13 -16.48 31.46
C LEU B 237 -36.05 -15.59 30.22
N LEU B 238 -37.03 -15.75 29.30
CA LEU B 238 -37.15 -15.01 28.03
C LEU B 238 -38.62 -14.67 27.80
N GLU B 239 -38.95 -13.71 26.89
CA GLU B 239 -40.36 -13.33 26.63
C GLU B 239 -41.24 -14.55 26.34
N GLN B 240 -42.41 -14.60 27.01
CA GLN B 240 -43.47 -15.62 27.03
C GLN B 240 -43.22 -16.64 28.20
N ASP C 9 14.99 -9.88 -24.79
CA ASP C 9 14.13 -10.14 -23.64
C ASP C 9 13.31 -8.92 -23.15
N LEU C 10 13.84 -7.69 -23.35
CA LEU C 10 13.18 -6.45 -22.93
C LEU C 10 12.05 -6.04 -23.86
N LEU C 11 11.65 -6.95 -24.74
CA LEU C 11 10.56 -6.82 -25.72
C LEU C 11 10.80 -5.75 -26.83
N LEU C 12 11.81 -4.87 -26.70
CA LEU C 12 12.10 -3.84 -27.73
C LEU C 12 12.75 -4.51 -28.95
N ALA C 13 12.51 -3.96 -30.18
CA ALA C 13 13.15 -4.47 -31.40
C ALA C 13 14.66 -4.14 -31.27
N PRO C 14 15.57 -5.00 -31.79
CA PRO C 14 17.04 -4.78 -31.61
C PRO C 14 17.58 -3.38 -31.88
N LYS C 15 17.04 -2.68 -32.91
CA LYS C 15 17.40 -1.33 -33.32
C LYS C 15 17.17 -0.31 -32.21
N TRP C 16 16.13 -0.53 -31.39
CA TRP C 16 15.80 0.36 -30.27
C TRP C 16 16.66 0.11 -29.06
N ILE C 17 17.02 -1.17 -28.81
CA ILE C 17 17.88 -1.54 -27.69
C ILE C 17 19.23 -0.85 -27.91
N SER C 18 19.73 -0.91 -29.16
CA SER C 18 20.97 -0.27 -29.60
C SER C 18 20.87 1.24 -29.46
N PHE C 19 19.90 1.85 -30.16
CA PHE C 19 19.67 3.28 -30.16
C PHE C 19 19.51 3.86 -28.78
N LEU C 20 18.59 3.27 -27.95
CA LEU C 20 18.30 3.74 -26.60
C LEU C 20 19.47 3.54 -25.66
N SER C 21 20.25 2.45 -25.86
CA SER C 21 21.43 2.10 -25.06
C SER C 21 21.19 2.30 -23.55
N LEU C 22 20.17 1.57 -23.03
CA LEU C 22 19.77 1.59 -21.62
C LEU C 22 20.88 1.03 -20.73
N SER C 23 21.01 1.61 -19.51
CA SER C 23 21.96 1.14 -18.52
C SER C 23 21.46 -0.19 -17.92
N SER C 24 22.36 -0.93 -17.27
CA SER C 24 22.00 -2.19 -16.59
C SER C 24 20.85 -1.92 -15.59
N PHE C 25 20.99 -0.83 -14.79
CA PHE C 25 20.04 -0.34 -13.79
C PHE C 25 18.65 -0.11 -14.37
N LEU C 26 18.58 0.52 -15.56
CA LEU C 26 17.33 0.82 -16.25
C LEU C 26 16.71 -0.43 -16.90
N LYS C 27 17.56 -1.34 -17.43
CA LYS C 27 17.10 -2.60 -18.02
C LYS C 27 16.44 -3.44 -16.91
N GLN C 28 16.98 -3.40 -15.68
CA GLN C 28 16.37 -4.10 -14.56
C GLN C 28 15.07 -3.40 -14.10
N LYS C 29 14.99 -2.06 -14.24
CA LYS C 29 13.80 -1.28 -13.91
C LYS C 29 12.67 -1.63 -14.92
N LEU C 30 13.03 -1.79 -16.21
CA LEU C 30 12.08 -2.18 -17.25
C LEU C 30 11.63 -3.64 -17.07
N LEU C 31 12.57 -4.54 -16.72
CA LEU C 31 12.27 -5.96 -16.50
C LEU C 31 11.34 -6.15 -15.29
N SER C 32 11.49 -5.31 -14.24
CA SER C 32 10.65 -5.37 -13.03
C SER C 32 9.22 -4.89 -13.36
N LEU C 33 9.09 -3.85 -14.22
CA LEU C 33 7.81 -3.31 -14.64
C LEU C 33 7.03 -4.36 -15.44
N LEU C 34 7.71 -5.01 -16.42
CA LEU C 34 7.12 -6.04 -17.26
C LEU C 34 6.65 -7.23 -16.43
N ARG C 35 7.44 -7.63 -15.42
CA ARG C 35 7.09 -8.71 -14.49
C ARG C 35 5.88 -8.28 -13.62
N GLN C 36 5.76 -6.96 -13.29
CA GLN C 36 4.63 -6.41 -12.52
C GLN C 36 3.32 -6.52 -13.33
N ILE C 37 3.40 -6.22 -14.65
CA ILE C 37 2.27 -6.30 -15.58
C ILE C 37 1.83 -7.77 -15.78
N ARG C 38 2.82 -8.70 -15.80
CA ARG C 38 2.57 -10.15 -15.92
C ARG C 38 1.75 -10.61 -14.71
N GLU C 39 2.10 -10.11 -13.51
CA GLU C 39 1.43 -10.43 -12.25
C GLU C 39 0.00 -9.92 -12.25
N LEU C 40 -0.26 -8.70 -12.72
CA LEU C 40 -1.61 -8.14 -12.78
C LEU C 40 -2.54 -8.96 -13.64
N ARG C 41 -2.00 -9.54 -14.73
CA ARG C 41 -2.74 -10.35 -15.71
C ARG C 41 -3.33 -11.64 -15.12
N LEU C 42 -2.81 -12.13 -13.98
CA LEU C 42 -3.33 -13.31 -13.26
C LEU C 42 -4.70 -12.93 -12.66
N THR C 43 -4.78 -11.72 -12.09
CA THR C 43 -5.96 -11.13 -11.46
C THR C 43 -6.88 -10.45 -12.51
N THR C 44 -6.54 -9.20 -12.93
CA THR C 44 -7.31 -8.41 -13.90
C THR C 44 -6.86 -8.64 -15.37
N THR C 45 -7.45 -7.87 -16.33
CA THR C 45 -7.14 -7.92 -17.76
C THR C 45 -6.44 -6.66 -18.15
N VAL C 46 -5.24 -6.80 -18.74
CA VAL C 46 -4.43 -5.67 -19.19
C VAL C 46 -4.40 -5.57 -20.71
N TYR C 47 -4.54 -4.35 -21.24
CA TYR C 47 -4.48 -4.09 -22.69
C TYR C 47 -3.26 -3.24 -22.95
N PRO C 48 -2.50 -3.47 -24.03
CA PRO C 48 -2.63 -4.56 -25.02
C PRO C 48 -1.94 -5.84 -24.52
N PRO C 49 -2.06 -7.02 -25.18
CA PRO C 49 -1.33 -8.22 -24.70
C PRO C 49 0.20 -8.00 -24.58
N GLN C 50 0.89 -8.78 -23.73
CA GLN C 50 2.35 -8.62 -23.50
C GLN C 50 3.16 -8.56 -24.77
N ASP C 51 2.89 -9.50 -25.71
CA ASP C 51 3.58 -9.58 -27.00
C ASP C 51 3.47 -8.29 -27.85
N LYS C 52 2.32 -7.57 -27.77
CA LYS C 52 2.04 -6.37 -28.55
C LYS C 52 2.37 -5.04 -27.80
N LEU C 53 3.10 -5.08 -26.67
CA LEU C 53 3.45 -3.85 -25.91
C LEU C 53 4.34 -2.88 -26.65
N MET C 54 5.45 -3.39 -27.21
CA MET C 54 6.44 -2.60 -27.93
C MET C 54 6.25 -2.83 -29.44
N TRP C 55 5.01 -2.97 -29.87
CA TRP C 55 4.72 -3.14 -31.28
C TRP C 55 5.22 -1.92 -32.11
N TRP C 56 5.16 -0.72 -31.55
CA TRP C 56 5.71 0.49 -32.19
C TRP C 56 7.24 0.38 -32.47
N SER C 57 7.99 -0.35 -31.64
CA SER C 57 9.42 -0.48 -31.85
C SER C 57 9.74 -1.42 -33.01
N HIS C 58 8.79 -2.28 -33.40
CA HIS C 58 8.96 -3.22 -34.52
C HIS C 58 8.65 -2.59 -35.87
N CYS C 59 7.75 -1.58 -35.90
CA CYS C 59 7.28 -0.87 -37.10
C CYS C 59 8.18 0.27 -37.48
N CYS C 60 8.67 0.98 -36.46
CA CYS C 60 9.47 2.15 -36.64
C CYS C 60 10.91 1.93 -36.31
N ASP C 61 11.81 2.34 -37.22
CA ASP C 61 13.25 2.29 -36.95
C ASP C 61 13.63 3.62 -36.29
N PRO C 62 14.50 3.64 -35.24
CA PRO C 62 14.77 4.91 -34.53
C PRO C 62 15.36 6.02 -35.40
N GLU C 63 16.39 5.70 -36.21
CA GLU C 63 17.09 6.61 -37.12
C GLU C 63 16.18 7.23 -38.23
N ASP C 64 15.12 6.50 -38.61
CA ASP C 64 14.17 6.89 -39.63
C ASP C 64 13.04 7.86 -39.18
N ILE C 65 12.81 8.02 -37.86
CA ILE C 65 11.74 8.86 -37.30
C ILE C 65 11.69 10.25 -37.93
N LYS C 66 10.49 10.61 -38.44
CA LYS C 66 10.15 11.90 -39.05
C LYS C 66 9.22 12.68 -38.09
N VAL C 67 8.13 12.04 -37.65
CA VAL C 67 7.13 12.64 -36.77
C VAL C 67 6.90 11.72 -35.54
N VAL C 68 6.67 12.32 -34.36
CA VAL C 68 6.40 11.60 -33.12
C VAL C 68 5.01 12.02 -32.64
N ILE C 69 4.02 11.10 -32.70
CA ILE C 69 2.67 11.38 -32.23
C ILE C 69 2.57 10.78 -30.85
N LEU C 70 2.24 11.61 -29.85
CA LEU C 70 2.19 11.17 -28.46
C LEU C 70 0.80 11.28 -27.86
N GLY C 71 0.18 10.11 -27.62
CA GLY C 71 -1.15 10.00 -27.03
C GLY C 71 -1.15 9.95 -25.52
N GLN C 72 -2.29 9.58 -24.92
CA GLN C 72 -2.46 9.50 -23.47
C GLN C 72 -2.10 8.07 -23.01
N ASP C 73 -2.95 7.07 -23.35
CA ASP C 73 -2.76 5.66 -23.03
C ASP C 73 -3.55 4.77 -24.01
N PRO C 74 -3.35 3.42 -24.05
CA PRO C 74 -4.08 2.60 -25.03
C PRO C 74 -5.60 2.66 -24.93
N TYR C 75 -6.31 2.13 -25.96
CA TYR C 75 -7.77 2.00 -25.95
C TYR C 75 -8.07 0.94 -24.90
N HIS C 76 -9.22 1.06 -24.20
CA HIS C 76 -9.56 0.11 -23.13
C HIS C 76 -10.79 -0.79 -23.43
N LYS C 77 -11.19 -0.95 -24.71
CA LYS C 77 -12.35 -1.80 -25.02
C LYS C 77 -11.93 -3.11 -25.76
N GLY C 78 -10.62 -3.36 -25.76
CA GLY C 78 -10.01 -4.54 -26.37
C GLY C 78 -9.44 -4.32 -27.76
N GLN C 79 -9.46 -3.09 -28.26
CA GLN C 79 -9.00 -2.83 -29.62
C GLN C 79 -7.55 -2.26 -29.72
N ALA C 80 -6.84 -2.07 -28.57
CA ALA C 80 -5.45 -1.59 -28.52
C ALA C 80 -4.47 -2.56 -29.23
N THR C 81 -3.54 -2.05 -30.09
CA THR C 81 -2.61 -2.89 -30.88
C THR C 81 -1.11 -2.79 -30.49
N GLY C 82 -0.77 -1.80 -29.68
CA GLY C 82 0.62 -1.53 -29.29
C GLY C 82 1.20 -0.35 -30.03
N LEU C 83 0.47 0.10 -31.06
CA LEU C 83 0.79 1.24 -31.91
C LEU C 83 -0.33 2.25 -31.59
N ALA C 84 0.00 3.36 -30.89
CA ALA C 84 -0.99 4.35 -30.47
C ALA C 84 -2.01 4.72 -31.54
N PHE C 85 -3.29 4.77 -31.16
CA PHE C 85 -4.46 5.13 -31.99
C PHE C 85 -4.77 4.19 -33.15
N SER C 86 -3.95 3.15 -33.39
CA SER C 86 -4.15 2.21 -34.52
C SER C 86 -5.00 1.06 -34.04
N VAL C 87 -5.77 0.48 -34.93
CA VAL C 87 -6.60 -0.70 -34.63
C VAL C 87 -6.35 -1.79 -35.67
N ASP C 88 -6.77 -3.01 -35.38
CA ASP C 88 -6.60 -4.12 -36.32
C ASP C 88 -7.56 -3.93 -37.50
N PRO C 89 -7.20 -4.38 -38.73
CA PRO C 89 -8.09 -4.18 -39.89
C PRO C 89 -9.50 -4.76 -39.78
N GLN C 90 -9.73 -5.78 -38.95
CA GLN C 90 -11.09 -6.33 -38.76
C GLN C 90 -11.85 -5.49 -37.74
N CYS C 91 -11.11 -4.86 -36.84
CA CYS C 91 -11.62 -4.03 -35.76
C CYS C 91 -12.20 -2.69 -36.26
N GLN C 92 -13.31 -2.25 -35.61
CA GLN C 92 -14.08 -1.04 -35.86
C GLN C 92 -13.33 0.19 -35.36
N VAL C 93 -13.16 1.19 -36.26
CA VAL C 93 -12.46 2.46 -36.03
C VAL C 93 -13.04 3.20 -34.80
N PRO C 94 -12.25 3.40 -33.72
CA PRO C 94 -12.79 4.09 -32.53
C PRO C 94 -12.94 5.60 -32.71
N PRO C 95 -13.74 6.28 -31.84
CA PRO C 95 -13.96 7.74 -31.97
C PRO C 95 -12.73 8.62 -32.13
N SER C 96 -11.63 8.32 -31.39
CA SER C 96 -10.37 9.08 -31.47
C SER C 96 -9.77 9.03 -32.85
N LEU C 97 -9.82 7.86 -33.47
CA LEU C 97 -9.29 7.66 -34.81
C LEU C 97 -10.20 8.31 -35.86
N ARG C 98 -11.55 8.37 -35.59
CA ARG C 98 -12.49 9.04 -36.48
C ARG C 98 -12.15 10.55 -36.58
N SER C 99 -11.88 11.20 -35.42
CA SER C 99 -11.52 12.62 -35.33
C SER C 99 -10.24 12.94 -36.09
N ILE C 100 -9.23 12.04 -36.02
CA ILE C 100 -7.93 12.19 -36.69
C ILE C 100 -8.18 12.17 -38.22
N PHE C 101 -8.95 11.18 -38.71
CA PHE C 101 -9.29 11.01 -40.11
C PHE C 101 -10.13 12.19 -40.67
N ARG C 102 -10.94 12.82 -39.77
CA ARG C 102 -11.76 13.98 -40.08
C ARG C 102 -10.87 15.22 -40.32
N GLU C 103 -9.85 15.43 -39.48
CA GLU C 103 -8.91 16.55 -39.61
C GLU C 103 -7.98 16.34 -40.82
N LEU C 104 -7.71 15.06 -41.16
CA LEU C 104 -6.90 14.73 -42.31
C LEU C 104 -7.71 14.99 -43.58
N GLU C 105 -9.02 14.62 -43.57
CA GLU C 105 -9.97 14.85 -44.67
C GLU C 105 -10.06 16.35 -44.97
N ALA C 106 -10.22 17.16 -43.92
CA ALA C 106 -10.33 18.60 -43.97
C ALA C 106 -9.06 19.35 -44.40
N SER C 107 -7.85 18.84 -44.02
CA SER C 107 -6.55 19.49 -44.29
C SER C 107 -5.76 18.97 -45.50
N VAL C 108 -5.46 17.66 -45.54
CA VAL C 108 -4.66 16.99 -46.58
C VAL C 108 -5.44 16.91 -47.89
N PRO C 109 -4.80 17.43 -48.98
CA PRO C 109 -5.48 17.50 -50.28
C PRO C 109 -6.02 16.21 -50.89
N ASN C 110 -5.22 15.13 -50.99
CA ASN C 110 -5.75 13.94 -51.65
C ASN C 110 -6.17 12.86 -50.68
N PHE C 111 -6.30 13.21 -49.39
CA PHE C 111 -6.74 12.28 -48.38
C PHE C 111 -8.22 11.90 -48.49
N SER C 112 -8.52 10.63 -48.27
CA SER C 112 -9.85 10.04 -48.21
C SER C 112 -9.84 9.06 -47.02
N THR C 113 -10.83 9.16 -46.10
CA THR C 113 -10.91 8.31 -44.91
C THR C 113 -11.05 6.83 -45.28
N PRO C 114 -10.18 5.97 -44.75
CA PRO C 114 -10.26 4.55 -45.10
C PRO C 114 -11.31 3.76 -44.32
N SER C 115 -11.63 2.56 -44.80
CA SER C 115 -12.59 1.69 -44.13
C SER C 115 -11.91 1.01 -42.94
N HIS C 116 -10.62 0.71 -43.11
CA HIS C 116 -9.83 0.08 -42.05
C HIS C 116 -8.88 1.09 -41.43
N GLY C 117 -8.73 1.01 -40.12
CA GLY C 117 -7.85 1.92 -39.38
C GLY C 117 -6.50 1.43 -38.89
N CYS C 118 -5.79 0.60 -39.68
CA CYS C 118 -4.46 0.13 -39.32
C CYS C 118 -3.41 1.14 -39.76
N LEU C 119 -2.73 1.78 -38.77
CA LEU C 119 -1.76 2.83 -38.99
C LEU C 119 -0.33 2.31 -39.19
N ASP C 120 -0.17 1.01 -39.48
CA ASP C 120 1.15 0.35 -39.72
C ASP C 120 1.93 1.00 -40.87
N SER C 121 1.21 1.50 -41.88
CA SER C 121 1.81 2.23 -42.99
C SER C 121 2.58 3.48 -42.52
N TRP C 122 2.02 4.23 -41.55
CA TRP C 122 2.62 5.47 -41.04
C TRP C 122 3.91 5.19 -40.32
N ALA C 123 3.92 4.13 -39.51
CA ALA C 123 5.09 3.66 -38.76
C ALA C 123 6.22 3.36 -39.75
N ARG C 124 5.92 2.59 -40.83
CA ARG C 124 6.91 2.26 -41.88
C ARG C 124 7.48 3.53 -42.60
N GLN C 125 6.75 4.65 -42.51
CA GLN C 125 7.16 5.90 -43.13
C GLN C 125 7.93 6.82 -42.16
N GLY C 126 8.07 6.41 -40.90
CA GLY C 126 8.76 7.17 -39.88
C GLY C 126 7.89 7.89 -38.87
N VAL C 127 6.65 7.43 -38.68
CA VAL C 127 5.73 8.00 -37.68
C VAL C 127 5.76 7.13 -36.39
N LEU C 128 6.16 7.72 -35.27
CA LEU C 128 6.19 6.97 -34.02
C LEU C 128 4.92 7.24 -33.27
N LEU C 129 4.08 6.23 -33.16
CA LEU C 129 2.80 6.33 -32.47
C LEU C 129 2.95 5.72 -31.06
N LEU C 130 3.28 6.62 -30.14
CA LEU C 130 3.60 6.32 -28.75
C LEU C 130 2.57 6.94 -27.81
N ASN C 131 2.35 6.28 -26.66
CA ASN C 131 1.45 6.78 -25.61
C ASN C 131 2.30 7.06 -24.38
N THR C 132 1.90 8.00 -23.52
CA THR C 132 2.65 8.29 -22.31
C THR C 132 2.69 7.07 -21.38
N VAL C 133 1.60 6.27 -21.40
CA VAL C 133 1.49 5.02 -20.62
C VAL C 133 1.18 3.92 -21.68
N LEU C 134 1.97 2.80 -21.68
CA LEU C 134 1.87 1.70 -22.66
C LEU C 134 0.88 0.56 -22.33
N THR C 135 0.19 0.62 -21.18
CA THR C 135 -0.81 -0.37 -20.75
C THR C 135 -2.01 0.30 -20.11
N VAL C 136 -3.12 -0.43 -19.98
CA VAL C 136 -4.36 0.06 -19.38
C VAL C 136 -5.18 -1.13 -18.79
N GLU C 137 -5.84 -0.93 -17.62
CA GLU C 137 -6.72 -1.92 -17.01
C GLU C 137 -8.02 -1.90 -17.85
N LYS C 138 -8.59 -3.10 -18.13
CA LYS C 138 -9.79 -3.26 -18.95
C LYS C 138 -10.99 -2.45 -18.45
N GLY C 139 -11.41 -1.49 -19.26
CA GLY C 139 -12.59 -0.66 -18.99
C GLY C 139 -12.40 0.71 -18.37
N ARG C 140 -11.15 1.11 -18.03
CA ARG C 140 -10.88 2.44 -17.40
C ARG C 140 -9.79 3.23 -18.15
N ALA C 141 -10.09 4.48 -18.56
CA ALA C 141 -9.12 5.35 -19.24
C ALA C 141 -8.09 5.86 -18.25
N SER C 143 -5.95 4.61 -16.42
CA SER C 143 -6.02 3.58 -15.39
C SER C 143 -4.64 3.21 -14.84
N HIS C 144 -3.58 3.29 -15.66
CA HIS C 144 -2.21 2.93 -15.26
C HIS C 144 -1.23 4.13 -15.15
N GLU C 145 -1.70 5.29 -14.63
CA GLU C 145 -0.90 6.52 -14.46
C GLU C 145 0.24 6.39 -13.43
N LEU C 147 1.14 3.19 -12.32
CA LEU C 147 1.86 1.95 -12.64
C LEU C 147 3.38 2.16 -12.71
N GLY C 148 3.82 3.16 -13.46
CA GLY C 148 5.23 3.51 -13.60
C GLY C 148 5.85 3.37 -14.98
N TRP C 149 5.11 3.74 -16.05
CA TRP C 149 5.63 3.72 -17.41
C TRP C 149 6.34 5.05 -17.67
N ASP C 150 5.87 6.16 -17.01
CA ASP C 150 6.30 7.57 -17.15
C ASP C 150 7.77 7.77 -17.50
N TRP C 151 8.69 7.14 -16.73
CA TRP C 151 10.15 7.26 -16.91
C TRP C 151 10.64 6.74 -18.24
N PHE C 152 10.02 5.63 -18.70
CA PHE C 152 10.37 4.95 -19.94
C PHE C 152 9.99 5.76 -21.16
N THR C 153 8.74 6.21 -21.22
CA THR C 153 8.25 7.02 -22.34
C THR C 153 8.98 8.36 -22.36
N SER C 154 9.35 8.92 -21.18
CA SER C 154 10.15 10.14 -21.10
C SER C 154 11.55 9.87 -21.67
N PHE C 155 12.18 8.69 -21.32
CA PHE C 155 13.50 8.27 -21.81
C PHE C 155 13.54 8.16 -23.33
N ILE C 156 12.46 7.65 -23.94
CA ILE C 156 12.34 7.54 -25.37
C ILE C 156 12.36 8.94 -26.01
N ILE C 157 11.45 9.85 -25.56
CA ILE C 157 11.36 11.23 -26.06
C ILE C 157 12.68 11.99 -25.87
N SER C 158 13.29 11.93 -24.67
CA SER C 158 14.58 12.58 -24.40
C SER C 158 15.61 12.04 -25.36
N SER C 159 15.57 10.71 -25.65
CA SER C 159 16.52 10.04 -26.55
C SER C 159 16.35 10.44 -28.00
N ILE C 160 15.09 10.56 -28.48
CA ILE C 160 14.81 11.01 -29.84
C ILE C 160 15.28 12.46 -30.00
N SER C 161 14.87 13.33 -29.06
CA SER C 161 15.21 14.75 -29.06
C SER C 161 16.74 15.01 -29.12
N SER C 162 17.58 14.26 -28.38
CA SER C 162 19.02 14.52 -28.41
C SER C 162 19.80 13.81 -29.54
N LYS C 163 19.42 12.56 -29.88
CA LYS C 163 20.13 11.78 -30.90
C LYS C 163 19.71 12.16 -32.35
N LEU C 164 18.42 12.41 -32.62
CA LEU C 164 17.95 12.82 -33.96
C LEU C 164 17.87 14.35 -34.04
N GLU C 165 17.83 14.89 -35.27
CA GLU C 165 17.69 16.33 -35.56
C GLU C 165 16.54 16.55 -36.55
N HIS C 166 15.84 17.69 -36.42
CA HIS C 166 14.72 18.15 -37.27
C HIS C 166 13.53 17.18 -37.42
N CYS C 167 12.93 16.76 -36.29
CA CYS C 167 11.73 15.91 -36.22
C CYS C 167 10.56 16.78 -35.82
N VAL C 168 9.34 16.27 -35.93
CA VAL C 168 8.14 16.99 -35.49
C VAL C 168 7.53 16.20 -34.32
N PHE C 169 7.13 16.90 -33.26
CA PHE C 169 6.50 16.27 -32.10
C PHE C 169 5.06 16.74 -32.00
N LEU C 170 4.09 15.83 -32.24
CA LEU C 170 2.68 16.18 -32.11
C LEU C 170 2.19 15.68 -30.74
N LEU C 171 2.01 16.62 -29.77
CA LEU C 171 1.56 16.27 -28.43
C LEU C 171 0.08 16.55 -28.28
N TRP C 172 -0.75 15.50 -28.32
CA TRP C 172 -2.21 15.54 -28.18
C TRP C 172 -2.69 15.20 -26.72
N GLY C 173 -3.50 16.08 -26.11
CA GLY C 173 -3.98 15.87 -24.75
C GLY C 173 -3.10 16.54 -23.72
N ARG C 174 -3.58 16.66 -22.44
CA ARG C 174 -2.82 17.32 -21.38
C ARG C 174 -1.67 16.43 -20.85
N LYS C 175 -1.83 15.09 -20.82
CA LYS C 175 -0.77 14.14 -20.39
C LYS C 175 0.44 14.23 -21.34
N ALA C 176 0.18 14.33 -22.67
CA ALA C 176 1.23 14.45 -23.67
C ALA C 176 1.90 15.80 -23.56
N ILE C 177 1.10 16.89 -23.40
CA ILE C 177 1.57 18.28 -23.31
C ILE C 177 2.59 18.40 -22.20
N ASP C 178 2.42 17.65 -21.09
CA ASP C 178 3.36 17.59 -19.96
C ASP C 178 4.77 17.14 -20.35
N ARG C 179 4.93 16.47 -21.48
CA ARG C 179 6.24 16.03 -21.94
C ARG C 179 7.02 17.14 -22.69
N THR C 180 6.35 18.29 -22.95
CA THR C 180 6.86 19.48 -23.64
C THR C 180 8.30 19.85 -23.24
N PRO C 181 8.71 19.90 -21.94
CA PRO C 181 10.09 20.32 -21.63
C PRO C 181 11.16 19.32 -22.00
N LEU C 182 10.78 18.08 -22.36
CA LEU C 182 11.78 17.07 -22.71
C LEU C 182 12.31 17.28 -24.13
N ILE C 183 11.48 17.89 -25.00
CA ILE C 183 11.84 18.14 -26.38
C ILE C 183 12.62 19.44 -26.53
N ASN C 184 13.78 19.37 -27.22
CA ASN C 184 14.63 20.52 -27.52
C ASN C 184 14.01 21.32 -28.67
N ALA C 185 13.28 22.38 -28.31
CA ALA C 185 12.59 23.28 -29.25
C ALA C 185 13.52 23.91 -30.31
N GLN C 186 14.81 24.11 -29.97
CA GLN C 186 15.81 24.68 -30.89
C GLN C 186 16.23 23.70 -32.00
N LYS C 187 15.85 22.40 -31.89
CA LYS C 187 16.21 21.33 -32.82
C LYS C 187 15.02 20.70 -33.55
N HIS C 188 13.84 20.67 -32.90
CA HIS C 188 12.65 20.05 -33.46
C HIS C 188 11.43 20.99 -33.39
N LEU C 189 10.35 20.64 -34.14
CA LEU C 189 9.06 21.38 -34.14
C LEU C 189 8.12 20.74 -33.13
N VAL C 190 7.56 21.53 -32.21
CA VAL C 190 6.64 21.01 -31.19
C VAL C 190 5.23 21.60 -31.38
N LEU C 191 4.23 20.75 -31.70
CA LEU C 191 2.86 21.21 -31.91
C LEU C 191 1.91 20.55 -30.89
N THR C 192 1.16 21.39 -30.14
CA THR C 192 0.25 20.93 -29.08
C THR C 192 -1.20 21.22 -29.45
N ALA C 193 -2.07 20.32 -29.04
CA ALA C 193 -3.52 20.40 -29.25
C ALA C 193 -4.22 19.50 -28.23
N GLN C 194 -5.51 19.75 -27.97
CA GLN C 194 -6.33 18.92 -27.09
C GLN C 194 -6.43 17.51 -27.73
N HIS C 195 -6.68 16.46 -26.90
CA HIS C 195 -6.77 15.07 -27.37
C HIS C 195 -7.87 14.86 -28.42
N PRO C 196 -7.62 14.05 -29.48
CA PRO C 196 -8.68 13.79 -30.49
C PRO C 196 -10.03 13.26 -29.98
N SER C 197 -10.06 12.58 -28.80
CA SER C 197 -11.29 12.01 -28.20
C SER C 197 -12.43 13.02 -28.10
N PRO C 198 -13.70 12.63 -28.41
CA PRO C 198 -14.80 13.61 -28.29
C PRO C 198 -14.92 14.23 -26.88
N LEU C 199 -14.61 13.45 -25.82
CA LEU C 199 -14.66 13.91 -24.43
C LEU C 199 -13.74 15.10 -24.13
N ALA C 200 -12.70 15.30 -24.96
CA ALA C 200 -11.80 16.45 -24.85
C ALA C 200 -12.50 17.77 -25.29
N SER C 201 -13.70 17.70 -25.92
CA SER C 201 -14.46 18.88 -26.35
C SER C 201 -15.36 19.29 -25.21
N LEU C 202 -15.63 18.32 -24.28
CA LEU C 202 -16.46 18.54 -23.08
C LEU C 202 -15.61 19.22 -22.00
N GLY C 203 -14.58 18.53 -21.53
CA GLY C 203 -13.64 19.13 -20.58
C GLY C 203 -12.73 20.00 -21.42
N GLY C 204 -12.53 21.24 -21.02
CA GLY C 204 -11.72 22.11 -21.86
C GLY C 204 -12.45 22.70 -23.04
N ARG C 205 -13.68 23.16 -22.79
CA ARG C 205 -14.53 23.89 -23.72
C ARG C 205 -14.17 25.39 -23.53
N HIS C 206 -13.49 25.71 -22.40
CA HIS C 206 -12.99 27.05 -22.06
C HIS C 206 -11.45 27.00 -21.91
N SER C 207 -10.84 25.90 -22.40
CA SER C 207 -9.40 25.66 -22.35
C SER C 207 -8.62 26.62 -23.21
N ARG C 208 -7.42 26.98 -22.76
CA ARG C 208 -6.50 27.88 -23.45
C ARG C 208 -5.72 27.11 -24.53
N TRP C 209 -5.66 25.76 -24.39
CA TRP C 209 -4.98 24.86 -25.34
C TRP C 209 -5.78 24.80 -26.64
N PRO C 210 -5.10 24.73 -27.80
CA PRO C 210 -5.84 24.68 -29.07
C PRO C 210 -6.67 23.40 -29.23
N ARG C 211 -7.86 23.55 -29.85
CA ARG C 211 -8.77 22.43 -30.12
C ARG C 211 -8.13 21.54 -31.19
N PHE C 212 -8.36 20.21 -31.12
CA PHE C 212 -7.82 19.30 -32.12
C PHE C 212 -8.44 19.62 -33.49
N GLN C 213 -9.75 19.89 -33.54
CA GLN C 213 -10.40 20.24 -34.80
C GLN C 213 -9.86 21.59 -35.28
N GLY C 214 -9.26 21.56 -36.46
CA GLY C 214 -8.67 22.74 -37.08
C GLY C 214 -7.22 23.00 -36.78
N CYS C 215 -6.58 22.12 -35.96
CA CYS C 215 -5.16 22.26 -35.57
C CYS C 215 -4.20 22.22 -36.78
N ASN C 216 -4.58 21.47 -37.85
CA ASN C 216 -3.82 21.31 -39.10
C ASN C 216 -2.38 20.73 -38.91
N HIS C 217 -2.19 19.89 -37.88
CA HIS C 217 -0.89 19.30 -37.52
C HIS C 217 -0.20 18.53 -38.61
N PHE C 218 -0.96 17.78 -39.38
CA PHE C 218 -0.47 16.93 -40.45
C PHE C 218 0.20 17.72 -41.55
N ASN C 219 -0.47 18.77 -42.08
CA ASN C 219 0.15 19.59 -43.12
C ASN C 219 1.34 20.34 -42.56
N LEU C 220 1.21 20.86 -41.32
CA LEU C 220 2.24 21.62 -40.62
C LEU C 220 3.54 20.84 -40.40
N ALA C 221 3.40 19.54 -40.08
CA ALA C 221 4.53 18.63 -39.87
C ALA C 221 5.27 18.45 -41.20
N ASN C 222 4.52 18.22 -42.30
CA ASN C 222 5.05 18.03 -43.64
C ASN C 222 5.81 19.24 -44.13
N ASP C 223 5.33 20.48 -43.79
CA ASP C 223 5.97 21.76 -44.18
C ASP C 223 7.33 21.90 -43.52
N TYR C 224 7.44 21.50 -42.25
CA TYR C 224 8.68 21.52 -41.49
C TYR C 224 9.68 20.56 -42.13
N LEU C 225 9.25 19.33 -42.41
CA LEU C 225 10.09 18.30 -43.03
C LEU C 225 10.59 18.79 -44.39
N THR C 226 9.67 19.38 -45.22
CA THR C 226 9.99 19.91 -46.57
C THR C 226 11.05 21.02 -46.42
N ARG C 227 10.84 21.97 -45.46
CA ARG C 227 11.74 23.09 -45.15
C ARG C 227 13.15 22.65 -44.75
N HIS C 228 13.24 21.53 -44.00
CA HIS C 228 14.50 20.95 -43.52
C HIS C 228 15.01 19.84 -44.43
N ARG C 229 14.62 19.89 -45.73
CA ARG C 229 14.99 18.97 -46.82
C ARG C 229 14.91 17.48 -46.42
N ARG C 230 13.82 17.10 -45.73
CA ARG C 230 13.51 15.72 -45.33
C ARG C 230 12.31 15.23 -46.16
N GLU C 231 12.14 13.90 -46.28
CA GLU C 231 11.02 13.31 -47.02
C GLU C 231 9.75 13.51 -46.21
N THR C 232 8.59 13.71 -46.88
CA THR C 232 7.32 13.92 -46.19
C THR C 232 6.62 12.60 -45.79
N VAL C 233 5.56 12.71 -44.97
CA VAL C 233 4.76 11.56 -44.57
C VAL C 233 3.53 11.57 -45.49
N ASP C 234 3.25 10.46 -46.18
CA ASP C 234 2.08 10.34 -47.04
C ASP C 234 1.00 9.71 -46.17
N TRP C 235 0.28 10.55 -45.45
CA TRP C 235 -0.79 10.19 -44.54
C TRP C 235 -1.88 9.36 -45.19
N GLY C 236 -2.17 9.66 -46.45
CA GLY C 236 -3.20 9.00 -47.26
C GLY C 236 -2.87 7.60 -47.72
N LEU C 237 -1.61 7.19 -47.56
CA LEU C 237 -1.14 5.85 -47.95
C LEU C 237 -1.56 4.84 -46.86
N LEU C 238 -2.84 4.40 -46.92
CA LEU C 238 -3.48 3.45 -46.01
C LEU C 238 -4.35 2.50 -46.85
N GLU C 239 -4.83 1.34 -46.28
CA GLU C 239 -5.66 0.38 -47.06
C GLU C 239 -6.86 1.06 -47.73
N GLN C 240 -7.04 0.77 -49.05
CA GLN C 240 -8.04 1.29 -50.00
C GLN C 240 -7.47 2.51 -50.76
N ASP D 9 -5.32 20.13 11.94
CA ASP D 9 -4.92 18.73 12.22
C ASP D 9 -3.87 18.23 11.19
N LEU D 10 -4.01 18.71 9.92
CA LEU D 10 -3.24 18.43 8.69
C LEU D 10 -1.98 19.34 8.56
N LEU D 11 -1.54 19.94 9.67
CA LEU D 11 -0.34 20.80 9.68
C LEU D 11 -0.37 22.11 8.87
N LEU D 12 -1.44 22.32 8.11
CA LEU D 12 -1.60 23.52 7.26
C LEU D 12 -2.25 24.60 8.14
N ALA D 13 -2.10 25.88 7.75
CA ALA D 13 -2.70 27.01 8.46
C ALA D 13 -4.22 27.05 8.24
N PRO D 14 -5.01 27.50 9.23
CA PRO D 14 -6.47 27.54 9.05
C PRO D 14 -6.97 28.19 7.75
N LYS D 15 -6.40 29.37 7.37
CA LYS D 15 -6.69 30.14 6.15
C LYS D 15 -6.40 29.33 4.91
N TRP D 16 -5.43 28.41 5.00
CA TRP D 16 -5.13 27.53 3.88
C TRP D 16 -6.14 26.40 3.77
N ILE D 17 -6.55 25.79 4.90
CA ILE D 17 -7.52 24.70 4.87
C ILE D 17 -8.83 25.15 4.19
N SER D 18 -9.38 26.30 4.63
CA SER D 18 -10.61 26.89 4.08
C SER D 18 -10.43 27.29 2.60
N PHE D 19 -9.21 27.76 2.24
CA PHE D 19 -8.89 28.16 0.87
C PHE D 19 -8.87 26.98 -0.10
N LEU D 20 -7.97 26.01 0.16
CA LEU D 20 -7.70 24.83 -0.66
C LEU D 20 -8.88 23.93 -0.77
N SER D 21 -9.67 23.85 0.33
CA SER D 21 -10.91 23.09 0.44
C SER D 21 -10.73 21.64 -0.03
N LEU D 22 -9.79 20.91 0.64
CA LEU D 22 -9.47 19.52 0.30
C LEU D 22 -10.64 18.59 0.57
N SER D 23 -10.80 17.56 -0.29
CA SER D 23 -11.85 16.55 -0.10
C SER D 23 -11.46 15.62 1.04
N SER D 24 -12.43 14.88 1.58
CA SER D 24 -12.14 13.89 2.63
C SER D 24 -11.05 12.91 2.14
N PHE D 25 -11.21 12.40 0.89
CA PHE D 25 -10.32 11.49 0.18
C PHE D 25 -8.89 12.01 0.15
N LEU D 26 -8.72 13.32 -0.17
CA LEU D 26 -7.41 13.98 -0.24
C LEU D 26 -6.81 14.28 1.13
N LYS D 27 -7.66 14.61 2.13
CA LYS D 27 -7.23 14.85 3.50
C LYS D 27 -6.65 13.55 4.06
N GLN D 28 -7.26 12.39 3.73
CA GLN D 28 -6.74 11.08 4.14
C GLN D 28 -5.44 10.72 3.36
N LYS D 29 -5.29 11.20 2.10
CA LYS D 29 -4.09 11.00 1.29
C LYS D 29 -2.92 11.82 1.90
N LEU D 30 -3.22 13.07 2.37
CA LEU D 30 -2.23 13.92 3.02
C LEU D 30 -1.84 13.35 4.40
N LEU D 31 -2.84 12.86 5.16
CA LEU D 31 -2.61 12.26 6.48
C LEU D 31 -1.78 10.99 6.42
N SER D 32 -1.96 10.19 5.34
CA SER D 32 -1.20 8.96 5.11
C SER D 32 0.27 9.29 4.77
N LEU D 33 0.50 10.36 3.99
CA LEU D 33 1.84 10.82 3.62
C LEU D 33 2.62 11.28 4.85
N LEU D 34 1.96 12.12 5.69
CA LEU D 34 2.54 12.65 6.92
C LEU D 34 2.88 11.52 7.90
N ARG D 35 2.01 10.49 8.01
CA ARG D 35 2.23 9.31 8.85
C ARG D 35 3.41 8.50 8.29
N GLN D 36 3.60 8.48 6.94
CA GLN D 36 4.70 7.77 6.26
C GLN D 36 6.05 8.45 6.62
N ILE D 37 6.07 9.81 6.63
CA ILE D 37 7.23 10.62 6.99
C ILE D 37 7.58 10.46 8.48
N ARG D 38 6.54 10.32 9.35
CA ARG D 38 6.70 10.10 10.78
C ARG D 38 7.42 8.77 11.02
N GLU D 39 7.05 7.73 10.23
CA GLU D 39 7.63 6.39 10.29
C GLU D 39 9.08 6.44 9.83
N LEU D 40 9.35 7.17 8.73
CA LEU D 40 10.68 7.34 8.16
C LEU D 40 11.67 7.98 9.15
N ARG D 41 11.15 8.89 10.00
CA ARG D 41 11.87 9.65 11.03
C ARG D 41 12.44 8.81 12.19
N LEU D 42 11.90 7.61 12.40
CA LEU D 42 12.38 6.69 13.42
C LEU D 42 13.73 6.13 12.96
N THR D 43 13.83 5.83 11.63
CA THR D 43 15.01 5.30 10.94
C THR D 43 16.03 6.37 10.51
N THR D 44 15.71 7.17 9.45
CA THR D 44 16.55 8.22 8.87
C THR D 44 16.17 9.60 9.44
N THR D 45 16.91 10.65 9.01
CA THR D 45 16.70 12.05 9.39
C THR D 45 16.12 12.81 8.21
N VAL D 46 14.95 13.41 8.42
CA VAL D 46 14.20 14.13 7.40
C VAL D 46 14.26 15.64 7.68
N TYR D 47 14.52 16.44 6.64
CA TYR D 47 14.51 17.89 6.75
C TYR D 47 13.35 18.41 5.92
N PRO D 48 12.61 19.45 6.39
CA PRO D 48 12.71 20.11 7.70
C PRO D 48 11.93 19.33 8.78
N PRO D 49 12.00 19.65 10.10
CA PRO D 49 11.21 18.88 11.08
C PRO D 49 9.70 18.91 10.79
N GLN D 50 8.93 17.90 11.27
CA GLN D 50 7.47 17.80 11.03
C GLN D 50 6.71 19.09 11.29
N ASP D 51 6.99 19.76 12.44
CA ASP D 51 6.37 21.02 12.86
C ASP D 51 6.57 22.17 11.85
N LYS D 52 7.73 22.21 11.17
CA LYS D 52 8.09 23.25 10.21
C LYS D 52 7.78 22.89 8.71
N LEU D 53 6.99 21.83 8.44
CA LEU D 53 6.66 21.43 7.07
C LEU D 53 5.83 22.43 6.28
N MET D 54 4.73 22.94 6.88
CA MET D 54 3.84 23.89 6.20
C MET D 54 4.11 25.32 6.69
N TRP D 55 5.37 25.58 7.12
CA TRP D 55 5.78 26.88 7.64
C TRP D 55 5.42 28.02 6.70
N TRP D 56 5.54 27.75 5.39
CA TRP D 56 5.21 28.66 4.29
C TRP D 56 3.74 29.14 4.34
N SER D 57 2.83 28.31 4.93
CA SER D 57 1.40 28.60 5.05
C SER D 57 1.07 29.44 6.27
N HIS D 58 2.00 29.53 7.24
CA HIS D 58 1.83 30.34 8.45
C HIS D 58 2.17 31.80 8.20
N CYS D 59 3.09 32.03 7.27
CA CYS D 59 3.60 33.35 6.90
C CYS D 59 2.72 34.09 5.91
N CYS D 60 2.24 33.35 4.90
CA CYS D 60 1.44 33.90 3.81
C CYS D 60 -0.05 33.58 3.92
N ASP D 61 -0.89 34.58 3.70
CA ASP D 61 -2.33 34.36 3.61
C ASP D 61 -2.65 34.09 2.11
N PRO D 62 -3.56 33.14 1.77
CA PRO D 62 -3.78 32.82 0.36
C PRO D 62 -4.27 33.97 -0.53
N GLU D 63 -5.25 34.73 -0.02
CA GLU D 63 -5.88 35.88 -0.68
C GLU D 63 -4.88 37.02 -0.99
N ASP D 64 -3.83 37.14 -0.16
CA ASP D 64 -2.80 38.16 -0.25
C ASP D 64 -1.68 37.92 -1.27
N ILE D 65 -1.49 36.65 -1.73
CA ILE D 65 -0.42 36.24 -2.66
C ILE D 65 -0.28 37.18 -3.85
N LYS D 66 0.97 37.67 -4.06
CA LYS D 66 1.38 38.54 -5.16
C LYS D 66 2.31 37.77 -6.10
N VAL D 67 3.36 37.13 -5.54
CA VAL D 67 4.34 36.36 -6.28
C VAL D 67 4.45 34.94 -5.69
N VAL D 68 4.63 33.91 -6.55
CA VAL D 68 4.82 32.52 -6.15
C VAL D 68 6.20 32.08 -6.60
N ILE D 69 7.12 31.85 -5.65
CA ILE D 69 8.46 31.36 -5.99
C ILE D 69 8.46 29.85 -5.75
N LEU D 70 8.77 29.07 -6.81
CA LEU D 70 8.73 27.62 -6.72
C LEU D 70 10.10 26.99 -6.94
N GLY D 71 10.66 26.43 -5.88
CA GLY D 71 11.96 25.77 -5.90
C GLY D 71 11.89 24.30 -6.24
N GLN D 72 13.00 23.56 -5.99
CA GLN D 72 13.12 22.13 -6.27
C GLN D 72 12.68 21.34 -5.02
N ASP D 73 13.50 21.38 -3.95
CA ASP D 73 13.25 20.71 -2.67
C ASP D 73 14.05 21.39 -1.52
N PRO D 74 13.80 21.06 -0.22
CA PRO D 74 14.53 21.76 0.86
C PRO D 74 16.04 21.58 0.84
N TYR D 75 16.77 22.40 1.63
CA TYR D 75 18.22 22.29 1.76
C TYR D 75 18.45 21.00 2.54
N HIS D 76 19.56 20.29 2.30
CA HIS D 76 19.84 19.01 2.98
C HIS D 76 21.03 19.00 3.95
N LYS D 77 21.50 20.17 4.43
CA LYS D 77 22.63 20.21 5.37
C LYS D 77 22.19 20.61 6.79
N GLY D 78 20.87 20.61 7.02
CA GLY D 78 20.24 20.96 8.30
C GLY D 78 19.74 22.38 8.44
N GLN D 79 19.81 23.17 7.35
CA GLN D 79 19.41 24.56 7.42
C GLN D 79 18.00 24.85 6.84
N ALA D 80 17.28 23.83 6.35
CA ALA D 80 15.91 23.99 5.81
C ALA D 80 14.92 24.49 6.87
N THR D 81 14.17 25.55 6.50
CA THR D 81 13.21 26.27 7.34
C THR D 81 11.77 25.75 7.21
N GLY D 82 11.41 25.35 6.00
CA GLY D 82 10.05 24.93 5.67
C GLY D 82 9.44 25.96 4.74
N LEU D 83 10.11 27.12 4.65
CA LEU D 83 9.82 28.25 3.76
C LEU D 83 11.01 28.21 2.80
N ALA D 84 10.74 27.88 1.51
CA ALA D 84 11.74 27.68 0.45
C ALA D 84 12.84 28.75 0.39
N PHE D 85 14.11 28.32 0.28
CA PHE D 85 15.32 29.15 0.18
C PHE D 85 15.61 30.11 1.34
N SER D 86 14.81 30.03 2.41
CA SER D 86 14.92 30.86 3.61
C SER D 86 15.68 29.97 4.59
N VAL D 87 16.53 30.61 5.44
CA VAL D 87 17.34 30.03 6.53
C VAL D 87 17.07 30.78 7.83
N ASP D 88 17.44 30.19 8.96
CA ASP D 88 17.26 30.84 10.25
C ASP D 88 18.30 31.98 10.39
N PRO D 89 17.98 33.08 11.11
CA PRO D 89 18.93 34.19 11.25
C PRO D 89 20.30 33.84 11.88
N GLN D 90 20.38 32.76 12.68
CA GLN D 90 21.66 32.34 13.27
C GLN D 90 22.45 31.54 12.24
N CYS D 91 21.74 30.89 11.32
CA CYS D 91 22.25 30.03 10.27
C CYS D 91 22.95 30.80 9.13
N GLN D 92 24.03 30.21 8.59
CA GLN D 92 24.86 30.74 7.51
C GLN D 92 24.14 30.65 6.15
N VAL D 93 24.09 31.77 5.42
CA VAL D 93 23.45 31.92 4.09
C VAL D 93 23.98 30.87 3.08
N PRO D 94 23.14 29.91 2.59
CA PRO D 94 23.64 28.91 1.64
C PRO D 94 23.91 29.46 0.24
N PRO D 95 24.68 28.71 -0.60
CA PRO D 95 25.02 29.22 -1.95
C PRO D 95 23.86 29.68 -2.83
N SER D 96 22.70 28.99 -2.82
CA SER D 96 21.54 29.35 -3.65
C SER D 96 20.95 30.65 -3.21
N LEU D 97 20.97 30.95 -1.89
CA LEU D 97 20.47 32.20 -1.36
C LEU D 97 21.45 33.32 -1.67
N ARG D 98 22.77 33.00 -1.75
CA ARG D 98 23.80 34.00 -2.11
C ARG D 98 23.56 34.49 -3.55
N SER D 99 23.27 33.57 -4.48
CA SER D 99 22.99 33.86 -5.89
C SER D 99 21.75 34.74 -6.07
N ILE D 100 20.69 34.53 -5.24
CA ILE D 100 19.44 35.29 -5.26
C ILE D 100 19.74 36.73 -4.88
N PHE D 101 20.47 36.90 -3.76
CA PHE D 101 20.88 38.19 -3.23
C PHE D 101 21.77 38.96 -4.23
N ARG D 102 22.62 38.23 -4.99
CA ARG D 102 23.52 38.76 -6.02
C ARG D 102 22.71 39.36 -7.19
N GLU D 103 21.64 38.65 -7.63
CA GLU D 103 20.77 39.10 -8.72
C GLU D 103 19.90 40.27 -8.26
N LEU D 104 19.58 40.31 -6.96
CA LEU D 104 18.81 41.40 -6.39
C LEU D 104 19.69 42.64 -6.30
N GLU D 105 20.96 42.46 -5.88
CA GLU D 105 21.98 43.52 -5.76
C GLU D 105 22.17 44.18 -7.14
N ALA D 106 22.30 43.35 -8.19
CA ALA D 106 22.50 43.75 -9.58
C ALA D 106 21.29 44.42 -10.24
N SER D 107 20.05 43.99 -9.91
CA SER D 107 18.82 44.49 -10.53
C SER D 107 18.05 45.59 -9.75
N VAL D 108 17.70 45.32 -8.47
CA VAL D 108 16.91 46.22 -7.60
C VAL D 108 17.75 47.41 -7.17
N PRO D 109 17.22 48.65 -7.42
CA PRO D 109 17.99 49.88 -7.17
C PRO D 109 18.51 50.13 -5.74
N ASN D 110 17.64 50.06 -4.72
CA ASN D 110 18.12 50.36 -3.37
C ASN D 110 18.32 49.09 -2.53
N PHE D 111 18.49 47.94 -3.20
CA PHE D 111 18.74 46.69 -2.50
C PHE D 111 20.19 46.62 -2.01
N SER D 112 20.37 46.07 -0.80
CA SER D 112 21.67 45.80 -0.17
C SER D 112 21.55 44.41 0.48
N THR D 113 22.52 43.51 0.18
CA THR D 113 22.53 42.12 0.71
C THR D 113 22.60 42.11 2.25
N PRO D 114 21.64 41.40 2.89
CA PRO D 114 21.62 41.35 4.35
C PRO D 114 22.59 40.33 4.96
N SER D 115 22.83 40.46 6.29
CA SER D 115 23.68 39.56 7.09
C SER D 115 22.98 38.20 7.31
N HIS D 116 21.64 38.20 7.53
CA HIS D 116 20.84 37.00 7.76
C HIS D 116 19.89 36.68 6.61
N GLY D 117 19.82 35.40 6.26
CA GLY D 117 18.97 34.92 5.19
C GLY D 117 17.58 34.49 5.60
N CYS D 118 16.88 35.30 6.40
CA CYS D 118 15.51 34.95 6.75
C CYS D 118 14.53 35.71 5.85
N LEU D 119 13.86 35.00 4.92
CA LEU D 119 12.94 35.64 3.98
C LEU D 119 11.49 35.80 4.51
N ASP D 120 11.26 35.56 5.84
CA ASP D 120 9.95 35.67 6.49
C ASP D 120 9.23 36.99 6.12
N SER D 121 10.00 38.06 5.89
CA SER D 121 9.50 39.38 5.52
C SER D 121 8.88 39.44 4.14
N TRP D 122 9.43 38.65 3.18
CA TRP D 122 8.92 38.48 1.80
C TRP D 122 7.58 37.77 1.83
N ALA D 123 7.48 36.73 2.68
CA ALA D 123 6.27 35.96 2.92
C ALA D 123 5.14 36.84 3.44
N ARG D 124 5.47 37.80 4.31
CA ARG D 124 4.51 38.74 4.90
C ARG D 124 3.95 39.70 3.87
N GLN D 125 4.69 39.93 2.77
CA GLN D 125 4.33 40.88 1.70
C GLN D 125 3.55 40.24 0.55
N GLY D 126 3.35 38.93 0.63
CA GLY D 126 2.60 38.17 -0.36
C GLY D 126 3.46 37.30 -1.25
N VAL D 127 4.69 36.95 -0.84
CA VAL D 127 5.57 36.07 -1.63
C VAL D 127 5.51 34.63 -1.07
N LEU D 128 4.95 33.67 -1.85
CA LEU D 128 4.84 32.28 -1.42
C LEU D 128 6.10 31.52 -1.81
N LEU D 129 6.86 31.06 -0.81
CA LEU D 129 8.11 30.34 -1.05
C LEU D 129 7.88 28.86 -0.85
N LEU D 130 7.54 28.19 -1.95
CA LEU D 130 7.16 26.80 -2.01
C LEU D 130 8.18 25.97 -2.80
N ASN D 131 8.32 24.67 -2.48
CA ASN D 131 9.18 23.71 -3.20
C ASN D 131 8.29 22.63 -3.79
N THR D 132 8.71 22.00 -4.89
CA THR D 132 7.91 20.92 -5.50
C THR D 132 7.77 19.70 -4.55
N VAL D 133 8.82 19.39 -3.74
CA VAL D 133 8.82 18.30 -2.74
C VAL D 133 9.10 19.02 -1.42
N LEU D 134 8.28 18.79 -0.38
CA LEU D 134 8.39 19.52 0.90
C LEU D 134 9.32 18.91 1.95
N THR D 135 9.96 17.76 1.64
CA THR D 135 10.91 17.06 2.54
C THR D 135 12.13 16.56 1.78
N VAL D 136 13.22 16.24 2.51
CA VAL D 136 14.45 15.68 1.93
C VAL D 136 15.19 14.79 2.97
N GLU D 137 15.79 13.66 2.49
CA GLU D 137 16.59 12.78 3.34
C GLU D 137 17.93 13.49 3.58
N LYS D 138 18.44 13.44 4.83
CA LYS D 138 19.68 14.11 5.25
C LYS D 138 20.90 13.74 4.40
N GLY D 139 21.42 14.73 3.69
CA GLY D 139 22.62 14.60 2.86
C GLY D 139 22.47 14.35 1.37
N ARG D 140 21.22 14.22 0.84
CA ARG D 140 20.98 13.97 -0.59
C ARG D 140 19.97 14.95 -1.21
N ALA D 141 20.36 15.63 -2.32
CA ALA D 141 19.45 16.55 -3.06
C ALA D 141 18.42 15.71 -3.81
N GLY D 142 17.24 16.26 -4.09
CA GLY D 142 16.14 15.57 -4.78
C GLY D 142 15.88 14.13 -4.34
N SER D 143 16.15 13.86 -3.05
CA SER D 143 16.08 12.57 -2.40
C SER D 143 14.67 12.01 -2.25
N HIS D 144 13.64 12.89 -2.15
CA HIS D 144 12.25 12.49 -1.93
C HIS D 144 11.32 12.71 -3.15
N GLU D 145 11.82 12.46 -4.39
CA GLU D 145 11.05 12.58 -5.63
C GLU D 145 10.01 11.44 -5.74
N GLY D 146 10.35 10.28 -5.19
CA GLY D 146 9.46 9.13 -5.17
C GLY D 146 8.52 9.05 -3.98
N LEU D 147 8.74 9.93 -2.96
CA LEU D 147 7.95 10.00 -1.71
C LEU D 147 6.44 10.20 -1.98
N GLY D 148 6.09 11.21 -2.78
CA GLY D 148 4.70 11.49 -3.14
C GLY D 148 4.11 12.82 -2.69
N TRP D 149 4.90 13.92 -2.80
CA TRP D 149 4.48 15.29 -2.48
C TRP D 149 3.93 15.99 -3.73
N ASP D 150 4.32 15.46 -4.91
CA ASP D 150 3.96 15.95 -6.24
C ASP D 150 2.54 16.43 -6.36
N TRP D 151 1.55 15.59 -5.97
CA TRP D 151 0.11 15.89 -6.07
C TRP D 151 -0.31 17.06 -5.20
N PHE D 152 0.31 17.16 -4.01
CA PHE D 152 0.02 18.17 -3.02
C PHE D 152 0.44 19.56 -3.51
N THR D 153 1.71 19.73 -3.89
CA THR D 153 2.26 20.98 -4.43
C THR D 153 1.58 21.35 -5.75
N SER D 154 1.18 20.36 -6.58
CA SER D 154 0.42 20.61 -7.82
C SER D 154 -0.94 21.18 -7.47
N PHE D 155 -1.67 20.55 -6.51
CA PHE D 155 -2.98 21.02 -6.04
C PHE D 155 -2.88 22.51 -5.57
N ILE D 156 -1.84 22.87 -4.78
CA ILE D 156 -1.64 24.24 -4.31
C ILE D 156 -1.56 25.21 -5.51
N ILE D 157 -0.65 24.95 -6.47
CA ILE D 157 -0.46 25.77 -7.67
C ILE D 157 -1.76 25.84 -8.51
N SER D 158 -2.43 24.69 -8.77
CA SER D 158 -3.70 24.65 -9.49
C SER D 158 -4.74 25.49 -8.78
N SER D 159 -4.74 25.46 -7.41
CA SER D 159 -5.67 26.21 -6.56
C SER D 159 -5.40 27.71 -6.60
N ILE D 160 -4.11 28.15 -6.54
CA ILE D 160 -3.76 29.57 -6.64
C ILE D 160 -4.16 30.09 -8.04
N SER D 161 -3.79 29.34 -9.10
CA SER D 161 -4.06 29.71 -10.48
C SER D 161 -5.56 29.91 -10.77
N SER D 162 -6.46 29.07 -10.23
CA SER D 162 -7.90 29.26 -10.52
C SER D 162 -8.64 30.22 -9.55
N LYS D 163 -8.28 30.21 -8.25
CA LYS D 163 -8.96 31.06 -7.27
C LYS D 163 -8.45 32.55 -7.28
N LEU D 164 -7.14 32.79 -7.43
CA LEU D 164 -6.59 34.16 -7.50
C LEU D 164 -6.43 34.59 -8.97
N GLU D 165 -6.24 35.90 -9.20
CA GLU D 165 -6.02 36.50 -10.53
C GLU D 165 -4.78 37.43 -10.48
N HIS D 166 -4.05 37.51 -11.60
CA HIS D 166 -2.86 38.36 -11.85
C HIS D 166 -1.72 38.24 -10.82
N CYS D 167 -1.22 37.00 -10.62
CA CYS D 167 -0.08 36.66 -9.74
C CYS D 167 1.10 36.24 -10.60
N VAL D 168 2.32 36.53 -10.13
CA VAL D 168 3.52 36.18 -10.86
C VAL D 168 4.01 34.84 -10.33
N PHE D 169 4.34 33.91 -11.19
CA PHE D 169 4.88 32.62 -10.79
C PHE D 169 6.31 32.57 -11.29
N LEU D 170 7.30 32.55 -10.35
CA LEU D 170 8.73 32.42 -10.67
C LEU D 170 9.11 30.93 -10.48
N LEU D 171 9.41 30.21 -11.58
CA LEU D 171 9.72 28.79 -11.49
C LEU D 171 11.19 28.69 -11.73
N TRP D 172 11.91 28.28 -10.68
CA TRP D 172 13.37 28.14 -10.67
C TRP D 172 13.76 26.66 -10.60
N GLY D 173 14.37 26.16 -11.67
CA GLY D 173 14.79 24.78 -11.80
C GLY D 173 14.02 23.99 -12.83
N ARG D 174 14.51 22.78 -13.19
CA ARG D 174 13.80 21.97 -14.20
C ARG D 174 12.55 21.31 -13.59
N LYS D 175 12.59 20.88 -12.31
CA LYS D 175 11.47 20.31 -11.51
C LYS D 175 10.33 21.32 -11.38
N ALA D 176 10.66 22.60 -11.09
CA ALA D 176 9.70 23.71 -10.98
C ALA D 176 9.07 24.02 -12.33
N ILE D 177 9.90 24.08 -13.41
CA ILE D 177 9.53 24.39 -14.79
C ILE D 177 8.47 23.42 -15.28
N ASP D 178 8.60 22.14 -14.88
CA ASP D 178 7.68 21.06 -15.21
C ASP D 178 6.22 21.30 -14.66
N ARG D 179 6.01 22.29 -13.75
CA ARG D 179 4.69 22.67 -13.23
C ARG D 179 4.01 23.74 -14.10
N THR D 180 4.73 24.24 -15.14
CA THR D 180 4.31 25.25 -16.11
C THR D 180 2.88 25.02 -16.66
N PRO D 181 2.39 23.79 -17.03
CA PRO D 181 1.01 23.68 -17.55
C PRO D 181 -0.07 23.80 -16.50
N LEU D 182 0.28 23.83 -15.19
CA LEU D 182 -0.73 23.98 -14.14
C LEU D 182 -1.20 25.42 -14.02
N ILE D 183 -0.33 26.37 -14.37
CA ILE D 183 -0.63 27.79 -14.27
C ILE D 183 -1.31 28.27 -15.54
N ASN D 184 -2.44 28.97 -15.35
CA ASN D 184 -3.24 29.56 -16.42
C ASN D 184 -2.54 30.81 -16.96
N ALA D 185 -1.82 30.68 -18.07
CA ALA D 185 -1.10 31.75 -18.73
C ALA D 185 -1.95 32.98 -19.10
N GLN D 186 -3.26 32.78 -19.35
CA GLN D 186 -4.19 33.86 -19.70
C GLN D 186 -4.61 34.70 -18.48
N LYS D 187 -4.23 34.27 -17.26
CA LYS D 187 -4.55 34.91 -15.97
C LYS D 187 -3.32 35.33 -15.15
N HIS D 188 -2.15 34.65 -15.26
CA HIS D 188 -0.96 34.94 -14.41
C HIS D 188 0.34 34.97 -15.18
N LEU D 189 1.34 35.73 -14.72
CA LEU D 189 2.63 35.81 -15.41
C LEU D 189 3.50 34.69 -14.97
N VAL D 190 4.11 33.96 -15.92
CA VAL D 190 4.99 32.83 -15.63
C VAL D 190 6.43 33.11 -16.14
N LEU D 191 7.40 33.15 -15.23
CA LEU D 191 8.82 33.42 -15.57
C LEU D 191 9.70 32.24 -15.18
N THR D 192 10.46 31.70 -16.14
CA THR D 192 11.31 30.52 -15.96
C THR D 192 12.77 30.83 -16.06
N ALA D 193 13.56 30.15 -15.23
CA ALA D 193 15.03 30.28 -15.17
C ALA D 193 15.59 29.03 -14.52
N GLN D 194 16.90 28.77 -14.76
CA GLN D 194 17.61 27.66 -14.13
C GLN D 194 17.68 27.93 -12.61
N HIS D 195 17.87 26.88 -11.81
CA HIS D 195 17.91 26.95 -10.34
C HIS D 195 19.05 27.86 -9.83
N PRO D 196 18.83 28.64 -8.73
CA PRO D 196 19.90 29.53 -8.25
C PRO D 196 21.20 28.87 -7.81
N SER D 197 21.17 27.56 -7.48
CA SER D 197 22.33 26.79 -7.03
C SER D 197 23.52 26.87 -7.99
N PRO D 198 24.77 26.96 -7.50
CA PRO D 198 25.92 27.00 -8.44
C PRO D 198 25.98 25.79 -9.37
N LEU D 199 25.55 24.59 -8.90
CA LEU D 199 25.53 23.36 -9.70
C LEU D 199 24.70 23.45 -10.96
N ALA D 200 23.71 24.34 -10.98
CA ALA D 200 22.88 24.59 -12.15
C ALA D 200 23.67 25.33 -13.28
N SER D 201 24.88 25.84 -13.00
CA SER D 201 25.70 26.53 -13.99
C SER D 201 26.62 25.51 -14.63
N LEU D 202 26.81 24.36 -13.96
CA LEU D 202 27.61 23.23 -14.43
C LEU D 202 26.76 22.41 -15.42
N GLY D 203 25.68 21.81 -14.92
CA GLY D 203 24.74 21.10 -15.78
C GLY D 203 23.91 22.16 -16.43
N GLY D 204 23.76 22.11 -17.73
CA GLY D 204 23.02 23.16 -18.41
C GLY D 204 23.82 24.43 -18.62
N ARG D 205 25.05 24.25 -19.10
CA ARG D 205 25.95 25.30 -19.51
C ARG D 205 25.67 25.55 -21.01
N HIS D 206 24.93 24.61 -21.65
CA HIS D 206 24.49 24.65 -23.05
C HIS D 206 22.97 24.56 -23.12
N SER D 207 22.32 24.65 -21.94
CA SER D 207 20.85 24.59 -21.78
C SER D 207 20.14 25.71 -22.51
N ARG D 208 18.94 25.40 -23.01
CA ARG D 208 18.09 26.36 -23.72
C ARG D 208 17.32 27.24 -22.73
N TRP D 209 17.21 26.77 -21.47
CA TRP D 209 16.54 27.50 -20.39
C TRP D 209 17.40 28.69 -19.96
N PRO D 210 16.79 29.85 -19.62
CA PRO D 210 17.59 31.01 -19.24
C PRO D 210 18.34 30.79 -17.94
N ARG D 211 19.58 31.34 -17.86
CA ARG D 211 20.43 31.26 -16.68
C ARG D 211 19.79 32.13 -15.59
N PHE D 212 19.94 31.71 -14.31
CA PHE D 212 19.40 32.50 -13.20
C PHE D 212 20.13 33.87 -13.15
N GLN D 213 21.46 33.90 -13.34
CA GLN D 213 22.21 35.15 -13.38
C GLN D 213 21.73 35.97 -14.59
N GLY D 214 21.21 37.16 -14.30
CA GLY D 214 20.71 38.09 -15.30
C GLY D 214 19.25 37.93 -15.68
N CYS D 215 18.52 36.97 -15.03
CA CYS D 215 17.11 36.71 -15.32
C CYS D 215 16.22 37.91 -15.03
N ASN D 216 16.59 38.75 -14.03
CA ASN D 216 15.89 39.98 -13.60
C ASN D 216 14.42 39.76 -13.16
N HIS D 217 14.12 38.56 -12.60
CA HIS D 217 12.76 38.17 -12.20
C HIS D 217 12.07 39.09 -11.21
N PHE D 218 12.84 39.63 -10.26
CA PHE D 218 12.31 40.50 -9.21
CA PHE D 218 12.31 40.50 -9.21
C PHE D 218 11.77 41.81 -9.77
N ASN D 219 12.53 42.51 -10.63
CA ASN D 219 12.02 43.76 -11.22
C ASN D 219 10.86 43.44 -12.18
N LEU D 220 10.97 42.36 -12.96
CA LEU D 220 9.95 41.92 -13.91
C LEU D 220 8.59 41.60 -13.27
N ALA D 221 8.62 40.99 -12.08
CA ALA D 221 7.43 40.64 -11.31
C ALA D 221 6.75 41.91 -10.85
N ASN D 222 7.55 42.89 -10.31
CA ASN D 222 7.07 44.18 -9.85
C ASN D 222 6.39 45.00 -10.97
N ASP D 223 6.93 44.95 -12.21
CA ASP D 223 6.38 45.63 -13.38
C ASP D 223 5.00 45.10 -13.74
N TYR D 224 4.81 43.77 -13.73
CA TYR D 224 3.52 43.11 -13.97
C TYR D 224 2.52 43.53 -12.87
N LEU D 225 2.91 43.45 -11.58
CA LEU D 225 2.04 43.86 -10.48
C LEU D 225 1.61 45.35 -10.63
N THR D 226 2.57 46.26 -10.94
CA THR D 226 2.32 47.69 -11.17
C THR D 226 1.31 47.84 -12.34
N ARG D 227 1.55 47.12 -13.48
CA ARG D 227 0.74 47.09 -14.70
C ARG D 227 -0.69 46.66 -14.45
N HIS D 228 -0.87 45.67 -13.54
CA HIS D 228 -2.15 45.07 -13.14
C HIS D 228 -2.78 45.74 -11.92
N ARG D 229 -2.32 46.95 -11.61
CA ARG D 229 -2.80 47.80 -10.53
C ARG D 229 -2.78 47.11 -9.14
N ARG D 230 -1.73 46.32 -8.86
CA ARG D 230 -1.49 45.63 -7.58
C ARG D 230 -0.30 46.29 -6.85
N GLU D 231 -0.20 46.11 -5.51
CA GLU D 231 0.91 46.66 -4.72
C GLU D 231 2.19 45.88 -5.04
N THR D 232 3.36 46.55 -5.01
CA THR D 232 4.63 45.86 -5.33
C THR D 232 5.24 45.14 -4.12
N VAL D 233 6.26 44.32 -4.38
CA VAL D 233 7.01 43.61 -3.35
C VAL D 233 8.28 44.43 -3.10
N ASP D 234 8.56 44.80 -1.85
CA ASP D 234 9.78 45.52 -1.48
C ASP D 234 10.79 44.45 -1.08
N TRP D 235 11.59 44.03 -2.06
CA TRP D 235 12.55 42.96 -1.89
C TRP D 235 13.64 43.27 -0.89
N GLY D 236 13.99 44.54 -0.78
CA GLY D 236 15.02 45.02 0.13
C GLY D 236 14.61 45.06 1.58
N LEU D 237 13.30 44.86 1.85
CA LEU D 237 12.75 44.86 3.21
C LEU D 237 13.08 43.52 3.87
N LEU D 238 14.29 43.43 4.45
CA LEU D 238 14.84 42.26 5.15
C LEU D 238 15.65 42.74 6.34
N ASP E 9 9.86 -19.07 -9.85
CA ASP E 9 9.44 -17.71 -10.14
C ASP E 9 9.02 -16.96 -8.85
N LEU E 10 8.25 -17.67 -7.99
CA LEU E 10 7.67 -17.31 -6.68
C LEU E 10 8.66 -17.66 -5.55
N LEU E 11 9.94 -17.83 -5.91
CA LEU E 11 11.10 -18.15 -5.05
C LEU E 11 11.03 -19.51 -4.31
N LEU E 12 9.87 -20.21 -4.39
CA LEU E 12 9.65 -21.53 -3.81
C LEU E 12 10.29 -22.58 -4.70
N ALA E 13 10.75 -23.69 -4.12
CA ALA E 13 11.34 -24.80 -4.88
C ALA E 13 10.21 -25.50 -5.70
N PRO E 14 10.55 -26.11 -6.87
CA PRO E 14 9.50 -26.68 -7.73
C PRO E 14 8.55 -27.69 -7.07
N LYS E 15 9.09 -28.61 -6.24
CA LYS E 15 8.31 -29.65 -5.54
C LYS E 15 7.30 -29.04 -4.58
N TRP E 16 7.63 -27.87 -4.04
CA TRP E 16 6.78 -27.14 -3.13
C TRP E 16 5.68 -26.46 -3.88
N ILE E 17 5.98 -25.77 -5.02
CA ILE E 17 4.97 -25.10 -5.86
C ILE E 17 3.88 -26.12 -6.18
N SER E 18 4.33 -27.31 -6.66
CA SER E 18 3.48 -28.43 -7.05
C SER E 18 2.62 -28.87 -5.87
N PHE E 19 3.30 -29.18 -4.76
CA PHE E 19 2.69 -29.65 -3.53
C PHE E 19 1.59 -28.71 -3.06
N LEU E 20 1.94 -27.45 -2.74
CA LEU E 20 1.03 -26.42 -2.25
C LEU E 20 -0.11 -26.09 -3.23
N SER E 21 0.15 -26.22 -4.58
CA SER E 21 -0.77 -25.96 -5.72
C SER E 21 -1.60 -24.69 -5.48
N LEU E 22 -0.90 -23.54 -5.33
CA LEU E 22 -1.52 -22.23 -5.08
C LEU E 22 -2.41 -21.78 -6.24
N SER E 23 -3.53 -21.09 -5.91
CA SER E 23 -4.43 -20.53 -6.92
C SER E 23 -3.79 -19.30 -7.58
N SER E 24 -4.30 -18.89 -8.75
CA SER E 24 -3.80 -17.69 -9.43
C SER E 24 -3.86 -16.47 -8.46
N PHE E 25 -5.01 -16.33 -7.75
CA PHE E 25 -5.32 -15.29 -6.75
C PHE E 25 -4.27 -15.24 -5.66
N LEU E 26 -3.87 -16.43 -5.14
CA LEU E 26 -2.86 -16.55 -4.08
C LEU E 26 -1.44 -16.33 -4.58
N LYS E 27 -1.17 -16.73 -5.85
CA LYS E 27 0.12 -16.49 -6.53
C LYS E 27 0.31 -14.98 -6.72
N GLN E 28 -0.79 -14.23 -7.03
CA GLN E 28 -0.74 -12.77 -7.15
C GLN E 28 -0.66 -12.09 -5.77
N LYS E 29 -1.12 -12.77 -4.69
CA LYS E 29 -1.03 -12.28 -3.29
C LYS E 29 0.41 -12.46 -2.80
N LEU E 30 1.07 -13.61 -3.12
CA LEU E 30 2.47 -13.88 -2.78
C LEU E 30 3.39 -12.98 -3.57
N LEU E 31 3.13 -12.81 -4.88
CA LEU E 31 3.94 -11.95 -5.75
C LEU E 31 3.88 -10.49 -5.35
N SER E 32 2.71 -10.02 -4.87
CA SER E 32 2.51 -8.64 -4.41
C SER E 32 3.28 -8.39 -3.11
N LEU E 33 3.30 -9.39 -2.21
CA LEU E 33 4.03 -9.31 -0.93
C LEU E 33 5.52 -9.23 -1.17
N LEU E 34 6.06 -10.11 -2.06
CA LEU E 34 7.47 -10.13 -2.40
C LEU E 34 7.91 -8.80 -3.04
N ARG E 35 7.06 -8.24 -3.94
CA ARG E 35 7.32 -6.95 -4.58
C ARG E 35 7.27 -5.82 -3.55
N GLN E 36 6.40 -5.94 -2.51
CA GLN E 36 6.28 -4.95 -1.40
C GLN E 36 7.57 -4.93 -0.58
N ILE E 37 8.14 -6.13 -0.28
CA ILE E 37 9.37 -6.32 0.47
C ILE E 37 10.58 -5.78 -0.35
N ARG E 38 10.54 -5.94 -1.69
CA ARG E 38 11.58 -5.44 -2.61
C ARG E 38 11.64 -3.92 -2.52
N GLU E 39 10.44 -3.28 -2.49
CA GLU E 39 10.26 -1.83 -2.39
C GLU E 39 10.77 -1.34 -1.02
N LEU E 40 10.45 -2.11 0.06
CA LEU E 40 10.82 -1.86 1.45
C LEU E 40 12.36 -1.94 1.70
N ARG E 41 13.12 -2.58 0.79
CA ARG E 41 14.57 -2.75 0.84
C ARG E 41 15.33 -1.51 0.32
N LEU E 42 14.66 -0.66 -0.49
CA LEU E 42 15.24 0.58 -0.99
C LEU E 42 15.38 1.58 0.18
N THR E 43 14.35 1.60 1.06
CA THR E 43 14.22 2.43 2.27
C THR E 43 14.85 1.93 3.60
N THR E 44 14.46 0.72 4.07
CA THR E 44 14.91 0.09 5.32
C THR E 44 15.68 -1.18 4.91
N THR E 45 16.21 -1.91 5.91
CA THR E 45 16.93 -3.17 5.71
C THR E 45 16.08 -4.32 6.21
N VAL E 46 15.82 -5.31 5.34
CA VAL E 46 15.01 -6.47 5.67
C VAL E 46 15.87 -7.71 5.81
N TYR E 47 15.62 -8.53 6.86
CA TYR E 47 16.33 -9.79 7.08
C TYR E 47 15.31 -10.91 6.90
N PRO E 48 15.67 -12.04 6.26
CA PRO E 48 16.93 -12.34 5.56
C PRO E 48 16.93 -11.77 4.15
N PRO E 49 18.04 -11.78 3.36
CA PRO E 49 17.95 -11.27 1.99
C PRO E 49 16.90 -12.01 1.13
N GLN E 50 16.36 -11.34 0.09
CA GLN E 50 15.33 -11.89 -0.78
C GLN E 50 15.64 -13.30 -1.29
N ASP E 51 16.90 -13.53 -1.77
CA ASP E 51 17.39 -14.82 -2.28
C ASP E 51 17.26 -15.98 -1.26
N LYS E 52 17.43 -15.69 0.03
CA LYS E 52 17.37 -16.74 1.06
C LYS E 52 15.98 -16.93 1.70
N LEU E 53 14.95 -16.18 1.31
CA LEU E 53 13.63 -16.27 1.94
C LEU E 53 13.05 -17.66 2.04
N MET E 54 13.08 -18.41 0.92
CA MET E 54 12.52 -19.75 0.81
C MET E 54 13.58 -20.80 0.98
N TRP E 55 14.74 -20.46 1.57
CA TRP E 55 15.84 -21.39 1.76
C TRP E 55 15.41 -22.73 2.38
N TRP E 56 14.38 -22.68 3.24
CA TRP E 56 13.76 -23.83 3.91
C TRP E 56 13.13 -24.84 2.94
N SER E 57 12.67 -24.36 1.78
CA SER E 57 12.05 -25.17 0.74
C SER E 57 13.07 -25.83 -0.19
N HIS E 58 14.36 -25.39 -0.12
CA HIS E 58 15.43 -25.98 -0.92
C HIS E 58 16.04 -27.22 -0.30
N CYS E 59 16.15 -27.26 1.04
CA CYS E 59 16.79 -28.36 1.77
C CYS E 59 15.93 -29.61 1.92
N CYS E 60 14.62 -29.41 1.97
CA CYS E 60 13.69 -30.47 2.26
C CYS E 60 12.54 -30.57 1.28
N ASP E 61 12.29 -31.77 0.76
CA ASP E 61 11.14 -32.09 -0.09
C ASP E 61 9.87 -32.20 0.80
N PRO E 62 8.70 -31.77 0.33
CA PRO E 62 7.49 -31.88 1.16
C PRO E 62 7.14 -33.29 1.65
N GLU E 63 7.13 -34.30 0.75
CA GLU E 63 6.81 -35.71 1.04
C GLU E 63 7.72 -36.35 2.11
N ASP E 64 8.96 -35.84 2.23
CA ASP E 64 10.01 -36.31 3.15
C ASP E 64 9.91 -35.77 4.59
N ILE E 65 9.13 -34.69 4.83
CA ILE E 65 8.96 -34.05 6.13
C ILE E 65 8.64 -35.05 7.23
N LYS E 66 9.41 -35.01 8.33
CA LYS E 66 9.26 -35.83 9.52
C LYS E 66 8.78 -34.94 10.70
N VAL E 67 9.50 -33.83 10.95
CA VAL E 67 9.21 -32.89 12.03
C VAL E 67 9.08 -31.46 11.44
N VAL E 68 8.13 -30.65 12.00
CA VAL E 68 7.93 -29.26 11.60
C VAL E 68 8.21 -28.38 12.84
N ILE E 69 9.30 -27.60 12.81
CA ILE E 69 9.64 -26.70 13.92
C ILE E 69 9.17 -25.32 13.50
N LEU E 70 8.27 -24.72 14.29
CA LEU E 70 7.69 -23.44 13.98
C LEU E 70 8.06 -22.36 15.00
N GLY E 71 8.89 -21.42 14.58
CA GLY E 71 9.34 -20.29 15.40
C GLY E 71 8.42 -19.08 15.30
N GLN E 72 8.91 -17.90 15.78
CA GLN E 72 8.17 -16.63 15.79
C GLN E 72 8.49 -15.87 14.49
N ASP E 73 9.75 -15.35 14.37
CA ASP E 73 10.25 -14.60 13.21
C ASP E 73 11.80 -14.68 13.08
N PRO E 74 12.41 -14.25 11.93
CA PRO E 74 13.88 -14.32 11.83
C PRO E 74 14.63 -13.48 12.85
N TYR E 75 15.96 -13.70 12.96
CA TYR E 75 16.84 -12.97 13.86
C TYR E 75 17.00 -11.56 13.31
N HIS E 76 17.03 -10.52 14.18
CA HIS E 76 17.11 -9.14 13.67
C HIS E 76 18.48 -8.46 13.82
N LYS E 77 19.58 -9.23 14.04
CA LYS E 77 20.92 -8.67 14.19
C LYS E 77 21.83 -9.00 12.98
N GLY E 78 21.22 -9.52 11.91
CA GLY E 78 21.90 -9.86 10.66
C GLY E 78 22.31 -11.32 10.47
N GLN E 79 21.93 -12.19 11.41
CA GLN E 79 22.34 -13.59 11.35
C GLN E 79 21.28 -14.55 10.79
N ALA E 80 20.11 -14.05 10.32
CA ALA E 80 19.04 -14.90 9.75
C ALA E 80 19.45 -15.52 8.38
N THR E 81 19.20 -16.83 8.15
CA THR E 81 19.61 -17.55 6.91
C THR E 81 18.48 -18.03 5.95
N GLY E 82 17.23 -17.95 6.41
CA GLY E 82 16.08 -18.41 5.64
C GLY E 82 15.56 -19.73 6.17
N LEU E 83 16.36 -20.32 7.07
CA LEU E 83 16.07 -21.54 7.78
C LEU E 83 15.95 -21.09 9.24
N ALA E 84 14.74 -21.18 9.82
CA ALA E 84 14.44 -20.78 11.22
C ALA E 84 15.48 -21.30 12.24
N PHE E 85 15.97 -20.39 13.13
CA PHE E 85 16.94 -20.62 14.20
C PHE E 85 18.36 -21.04 13.77
N SER E 86 18.60 -21.25 12.47
CA SER E 86 19.87 -21.67 11.87
C SER E 86 20.63 -20.40 11.53
N VAL E 87 21.98 -20.40 11.76
CA VAL E 87 22.94 -19.32 11.46
C VAL E 87 24.03 -19.81 10.51
N ASP E 88 24.74 -18.88 9.85
CA ASP E 88 25.81 -19.26 8.95
C ASP E 88 27.01 -19.78 9.78
N PRO E 89 27.83 -20.74 9.25
CA PRO E 89 28.96 -21.26 10.05
C PRO E 89 29.99 -20.23 10.52
N GLN E 90 30.15 -19.12 9.77
CA GLN E 90 31.09 -18.08 10.14
C GLN E 90 30.46 -17.03 11.05
N CYS E 91 29.29 -17.36 11.62
CA CYS E 91 28.58 -16.46 12.50
C CYS E 91 28.59 -16.99 13.93
N GLN E 92 28.23 -16.13 14.87
CA GLN E 92 28.18 -16.49 16.28
C GLN E 92 26.77 -17.01 16.66
N VAL E 93 26.71 -18.21 17.29
CA VAL E 93 25.47 -18.88 17.75
C VAL E 93 24.64 -17.94 18.66
N PRO E 94 23.40 -17.54 18.25
CA PRO E 94 22.61 -16.61 19.07
C PRO E 94 22.02 -17.27 20.32
N PRO E 95 21.57 -16.46 21.32
CA PRO E 95 20.98 -17.03 22.56
C PRO E 95 19.88 -18.10 22.40
N SER E 96 18.89 -17.90 21.49
CA SER E 96 17.80 -18.89 21.31
C SER E 96 18.34 -20.21 20.77
N LEU E 97 19.42 -20.21 19.94
CA LEU E 97 20.05 -21.44 19.45
C LEU E 97 20.88 -22.09 20.57
N ARG E 98 21.43 -21.29 21.49
CA ARG E 98 22.15 -21.83 22.65
C ARG E 98 21.21 -22.64 23.55
N SER E 99 19.99 -22.12 23.79
CA SER E 99 18.95 -22.79 24.59
C SER E 99 18.49 -24.12 24.00
N ILE E 100 18.39 -24.20 22.64
CA ILE E 100 18.01 -25.40 21.89
C ILE E 100 19.08 -26.47 22.10
N PHE E 101 20.37 -26.07 21.88
CA PHE E 101 21.54 -26.91 22.05
C PHE E 101 21.68 -27.41 23.50
N ARG E 102 21.28 -26.61 24.49
CA ARG E 102 21.28 -26.93 25.91
C ARG E 102 20.26 -28.02 26.23
N GLU E 103 19.04 -27.94 25.65
CA GLU E 103 17.98 -28.95 25.84
C GLU E 103 18.34 -30.24 25.11
N LEU E 104 19.11 -30.14 24.01
CA LEU E 104 19.55 -31.31 23.26
C LEU E 104 20.64 -32.02 24.05
N GLU E 105 21.57 -31.23 24.64
CA GLU E 105 22.68 -31.72 25.47
C GLU E 105 22.11 -32.50 26.67
N ALA E 106 21.08 -31.93 27.33
CA ALA E 106 20.39 -32.50 28.48
C ALA E 106 19.53 -33.73 28.19
N SER E 107 18.88 -33.80 27.00
CA SER E 107 17.95 -34.89 26.62
C SER E 107 18.55 -36.01 25.74
N VAL E 108 19.17 -35.67 24.58
CA VAL E 108 19.74 -36.63 23.62
C VAL E 108 21.04 -37.23 24.14
N PRO E 109 21.11 -38.57 24.23
CA PRO E 109 22.26 -39.23 24.87
C PRO E 109 23.67 -38.96 24.32
N ASN E 110 23.89 -39.10 23.00
CA ASN E 110 25.24 -38.89 22.47
C ASN E 110 25.40 -37.53 21.78
N PHE E 111 24.47 -36.59 22.07
CA PHE E 111 24.55 -35.23 21.53
C PHE E 111 25.67 -34.43 22.22
N SER E 112 26.39 -33.63 21.43
CA SER E 112 27.41 -32.69 21.86
C SER E 112 27.19 -31.41 21.07
N THR E 113 27.14 -30.25 21.77
CA THR E 113 26.89 -28.95 21.13
C THR E 113 28.02 -28.57 20.17
N PRO E 114 27.69 -28.29 18.90
CA PRO E 114 28.74 -27.96 17.92
C PRO E 114 29.22 -26.50 17.98
N SER E 115 30.38 -26.22 17.36
CA SER E 115 30.98 -24.87 17.27
C SER E 115 30.22 -24.01 16.24
N HIS E 116 29.81 -24.66 15.12
CA HIS E 116 29.03 -24.11 14.02
C HIS E 116 27.52 -24.19 14.35
N GLY E 117 26.80 -23.11 14.06
CA GLY E 117 25.36 -23.04 14.30
C GLY E 117 24.53 -23.23 13.06
N CYS E 118 24.95 -24.12 12.14
CA CYS E 118 24.24 -24.37 10.89
C CYS E 118 23.38 -25.63 10.94
N LEU E 119 22.06 -25.44 10.94
CA LEU E 119 21.08 -26.53 11.03
C LEU E 119 20.76 -27.24 9.69
N ASP E 120 21.44 -26.90 8.59
CA ASP E 120 21.23 -27.48 7.26
C ASP E 120 21.11 -28.99 7.28
N SER E 121 21.89 -29.68 8.12
CA SER E 121 21.84 -31.14 8.29
C SER E 121 20.45 -31.65 8.72
N TRP E 122 19.81 -30.96 9.71
CA TRP E 122 18.45 -31.27 10.20
C TRP E 122 17.44 -31.08 9.09
N ALA E 123 17.52 -29.92 8.41
CA ALA E 123 16.71 -29.51 7.28
C ALA E 123 16.59 -30.61 6.27
N ARG E 124 17.72 -31.21 5.91
CA ARG E 124 17.79 -32.26 4.90
C ARG E 124 17.27 -33.62 5.39
N GLN E 125 17.25 -33.89 6.72
CA GLN E 125 16.75 -35.13 7.38
C GLN E 125 15.21 -35.18 7.50
N GLY E 126 14.56 -34.14 7.01
CA GLY E 126 13.11 -33.99 7.00
C GLY E 126 12.61 -33.04 8.07
N VAL E 127 13.47 -32.10 8.55
CA VAL E 127 13.07 -31.15 9.59
C VAL E 127 12.79 -29.79 8.96
N LEU E 128 11.51 -29.35 8.94
CA LEU E 128 11.16 -28.07 8.35
C LEU E 128 11.28 -26.97 9.40
N LEU E 129 12.25 -26.06 9.19
CA LEU E 129 12.48 -24.96 10.12
C LEU E 129 11.84 -23.69 9.54
N LEU E 130 10.59 -23.47 9.95
CA LEU E 130 9.72 -22.40 9.49
C LEU E 130 9.40 -21.41 10.61
N ASN E 131 9.17 -20.14 10.26
CA ASN E 131 8.75 -19.10 11.20
C ASN E 131 7.35 -18.62 10.79
N THR E 132 6.56 -18.08 11.74
CA THR E 132 5.22 -17.57 11.44
C THR E 132 5.31 -16.38 10.46
N VAL E 133 6.43 -15.63 10.51
CA VAL E 133 6.69 -14.49 9.64
C VAL E 133 8.08 -14.69 9.07
N LEU E 134 8.22 -14.68 7.72
CA LEU E 134 9.47 -14.99 7.04
C LEU E 134 10.47 -13.82 6.87
N THR E 135 10.12 -12.60 7.33
CA THR E 135 10.98 -11.42 7.25
C THR E 135 10.91 -10.61 8.55
N VAL E 136 11.88 -9.69 8.74
CA VAL E 136 11.93 -8.79 9.89
C VAL E 136 12.70 -7.49 9.53
N GLU E 137 12.23 -6.32 10.07
CA GLU E 137 12.90 -5.02 9.87
C GLU E 137 14.14 -5.04 10.78
N LYS E 138 15.28 -4.53 10.27
CA LYS E 138 16.56 -4.50 10.99
C LYS E 138 16.50 -3.78 12.34
N GLY E 139 16.70 -4.56 13.42
CA GLY E 139 16.71 -4.07 14.79
C GLY E 139 15.41 -4.22 15.57
N GLY E 148 2.24 -8.95 5.37
CA GLY E 148 1.50 -10.04 5.99
C GLY E 148 1.91 -11.42 5.47
N TRP E 149 2.76 -12.14 6.27
CA TRP E 149 3.22 -13.50 5.99
C TRP E 149 2.26 -14.51 6.59
N ASP E 150 1.51 -14.10 7.62
CA ASP E 150 0.58 -14.95 8.37
C ASP E 150 -0.21 -15.96 7.52
N TRP E 151 -0.85 -15.52 6.42
CA TRP E 151 -1.67 -16.36 5.55
C TRP E 151 -0.88 -17.47 4.85
N PHE E 152 0.36 -17.13 4.44
CA PHE E 152 1.25 -18.00 3.70
C PHE E 152 1.76 -19.14 4.57
N THR E 153 2.29 -18.81 5.75
CA THR E 153 2.79 -19.81 6.70
C THR E 153 1.65 -20.66 7.21
N SER E 154 0.42 -20.11 7.36
CA SER E 154 -0.78 -20.88 7.73
C SER E 154 -1.12 -21.87 6.62
N PHE E 155 -1.15 -21.41 5.32
CA PHE E 155 -1.38 -22.27 4.12
C PHE E 155 -0.38 -23.46 4.12
N ILE E 156 0.92 -23.21 4.40
CA ILE E 156 1.92 -24.27 4.43
C ILE E 156 1.54 -25.33 5.46
N ILE E 157 1.33 -24.93 6.74
CA ILE E 157 0.93 -25.82 7.84
C ILE E 157 -0.36 -26.58 7.51
N SER E 158 -1.42 -25.88 7.03
CA SER E 158 -2.68 -26.52 6.63
C SER E 158 -2.42 -27.55 5.54
N SER E 159 -1.49 -27.24 4.59
CA SER E 159 -1.14 -28.13 3.48
C SER E 159 -0.36 -29.37 3.95
N ILE E 160 0.61 -29.21 4.88
CA ILE E 160 1.35 -30.34 5.45
C ILE E 160 0.39 -31.24 6.23
N SER E 161 -0.45 -30.64 7.11
CA SER E 161 -1.42 -31.36 7.92
C SER E 161 -2.42 -32.21 7.11
N SER E 162 -2.93 -31.74 5.96
CA SER E 162 -3.88 -32.56 5.18
C SER E 162 -3.22 -33.53 4.18
N LYS E 163 -2.11 -33.13 3.53
CA LYS E 163 -1.46 -33.98 2.52
C LYS E 163 -0.57 -35.08 3.15
N LEU E 164 0.22 -34.77 4.18
CA LEU E 164 1.06 -35.76 4.86
C LEU E 164 0.33 -36.34 6.10
N GLU E 165 0.90 -37.37 6.72
CA GLU E 165 0.37 -37.90 7.98
C GLU E 165 1.47 -38.42 8.89
N HIS E 166 1.19 -38.38 10.21
CA HIS E 166 2.06 -38.83 11.29
C HIS E 166 3.34 -38.00 11.40
N CYS E 167 3.25 -36.69 11.16
CA CYS E 167 4.39 -35.79 11.31
C CYS E 167 4.31 -35.21 12.71
N VAL E 168 5.42 -34.66 13.22
CA VAL E 168 5.46 -34.03 14.55
C VAL E 168 5.53 -32.51 14.30
N PHE E 169 4.71 -31.73 15.02
CA PHE E 169 4.71 -30.27 14.94
C PHE E 169 5.20 -29.72 16.25
N LEU E 170 6.42 -29.13 16.27
CA LEU E 170 6.98 -28.49 17.48
C LEU E 170 6.69 -27.00 17.39
N LEU E 171 5.80 -26.55 18.27
CA LEU E 171 5.36 -25.19 18.34
C LEU E 171 6.06 -24.46 19.47
N TRP E 172 6.90 -23.49 19.10
CA TRP E 172 7.67 -22.71 20.05
C TRP E 172 7.30 -21.22 20.04
N GLY E 173 6.74 -20.77 21.16
CA GLY E 173 6.29 -19.40 21.37
C GLY E 173 4.78 -19.24 21.24
N ARG E 174 4.25 -18.11 21.75
CA ARG E 174 2.83 -17.79 21.72
C ARG E 174 2.31 -17.65 20.27
N LYS E 175 3.09 -16.97 19.37
CA LYS E 175 2.77 -16.79 17.93
C LYS E 175 2.61 -18.15 17.21
N ALA E 176 3.52 -19.10 17.45
CA ALA E 176 3.45 -20.45 16.87
C ALA E 176 2.29 -21.26 17.45
N ILE E 177 2.07 -21.19 18.79
CA ILE E 177 1.00 -21.90 19.50
C ILE E 177 -0.36 -21.54 18.90
N ASP E 178 -0.52 -20.30 18.46
CA ASP E 178 -1.73 -19.81 17.82
C ASP E 178 -2.10 -20.57 16.54
N ARG E 179 -1.13 -21.26 15.92
CA ARG E 179 -1.35 -22.04 14.70
C ARG E 179 -1.93 -23.44 15.01
N THR E 180 -2.01 -23.81 16.32
CA THR E 180 -2.53 -25.06 16.86
C THR E 180 -3.79 -25.56 16.14
N PRO E 181 -4.87 -24.76 15.88
CA PRO E 181 -6.07 -25.36 15.27
C PRO E 181 -5.93 -25.70 13.78
N LEU E 182 -4.81 -25.33 13.15
CA LEU E 182 -4.59 -25.67 11.73
C LEU E 182 -4.13 -27.12 11.58
N ILE E 183 -3.48 -27.67 12.61
CA ILE E 183 -2.96 -29.02 12.59
C ILE E 183 -4.02 -30.00 13.06
N ASN E 184 -4.23 -31.07 12.27
CA ASN E 184 -5.17 -32.15 12.56
C ASN E 184 -4.59 -33.06 13.61
N ALA E 185 -4.96 -32.84 14.90
CA ALA E 185 -4.49 -33.63 16.05
C ALA E 185 -4.73 -35.11 15.94
N GLN E 186 -5.79 -35.53 15.21
CA GLN E 186 -6.13 -36.95 14.99
C GLN E 186 -5.14 -37.68 14.06
N LYS E 187 -4.19 -36.96 13.40
CA LYS E 187 -3.22 -37.63 12.54
C LYS E 187 -1.77 -37.09 12.62
N HIS E 188 -1.45 -36.14 13.51
CA HIS E 188 -0.10 -35.57 13.69
C HIS E 188 0.11 -35.21 15.14
N LEU E 189 1.32 -35.40 15.66
CA LEU E 189 1.62 -35.04 17.03
C LEU E 189 1.94 -33.57 17.13
N VAL E 190 1.30 -32.86 18.09
CA VAL E 190 1.54 -31.42 18.28
C VAL E 190 2.11 -31.17 19.67
N LEU E 191 3.34 -30.60 19.76
CA LEU E 191 3.99 -30.32 21.05
C LEU E 191 4.24 -28.82 21.21
N THR E 192 3.76 -28.23 22.32
CA THR E 192 3.87 -26.78 22.59
C THR E 192 4.79 -26.48 23.75
N ALA E 193 5.53 -25.36 23.63
CA ALA E 193 6.44 -24.86 24.65
C ALA E 193 6.69 -23.37 24.42
N GLN E 194 7.16 -22.66 25.46
CA GLN E 194 7.52 -21.24 25.35
C GLN E 194 8.74 -21.13 24.39
N HIS E 195 8.97 -19.94 23.80
CA HIS E 195 10.05 -19.71 22.85
C HIS E 195 11.45 -19.95 23.47
N PRO E 196 12.41 -20.55 22.71
CA PRO E 196 13.76 -20.78 23.28
C PRO E 196 14.48 -19.55 23.85
N SER E 197 14.19 -18.34 23.31
CA SER E 197 14.84 -17.08 23.68
C SER E 197 14.89 -16.85 25.19
N PRO E 198 15.99 -16.31 25.77
CA PRO E 198 16.01 -16.06 27.23
C PRO E 198 14.87 -15.15 27.72
N LEU E 199 14.44 -14.16 26.88
CA LEU E 199 13.36 -13.24 27.20
C LEU E 199 12.04 -13.92 27.49
N ALA E 200 11.84 -15.14 26.95
CA ALA E 200 10.65 -15.93 27.19
C ALA E 200 10.60 -16.49 28.65
N SER E 201 11.71 -16.37 29.42
CA SER E 201 11.77 -16.83 30.80
C SER E 201 11.38 -15.68 31.70
N LEU E 202 11.48 -14.44 31.16
CA LEU E 202 11.12 -13.19 31.85
C LEU E 202 9.58 -12.99 31.73
N GLY E 203 9.08 -12.82 30.52
CA GLY E 203 7.64 -12.75 30.28
C GLY E 203 7.16 -14.18 30.32
N GLY E 204 6.13 -14.47 31.08
CA GLY E 204 5.70 -15.84 31.20
C GLY E 204 6.52 -16.65 32.18
N ARG E 205 6.78 -16.06 33.34
CA ARG E 205 7.44 -16.67 34.49
C ARG E 205 6.31 -17.29 35.34
N HIS E 206 5.04 -16.89 35.05
CA HIS E 206 3.82 -17.38 35.69
C HIS E 206 2.90 -17.94 34.61
N SER E 207 3.45 -18.16 33.41
CA SER E 207 2.72 -18.68 32.25
C SER E 207 2.29 -20.13 32.47
N ARG E 208 1.11 -20.45 31.90
CA ARG E 208 0.51 -21.78 31.94
C ARG E 208 1.13 -22.67 30.87
N TRP E 209 1.77 -22.06 29.86
CA TRP E 209 2.47 -22.77 28.78
C TRP E 209 3.76 -23.40 29.31
N PRO E 210 4.13 -24.61 28.86
CA PRO E 210 5.35 -25.25 29.38
C PRO E 210 6.61 -24.50 28.99
N ARG E 211 7.60 -24.46 29.91
CA ARG E 211 8.89 -23.80 29.70
C ARG E 211 9.66 -24.60 28.68
N PHE E 212 10.45 -23.92 27.81
CA PHE E 212 11.27 -24.60 26.82
C PHE E 212 12.29 -25.50 27.51
N GLN E 213 12.96 -25.00 28.60
CA GLN E 213 13.91 -25.81 29.36
C GLN E 213 13.14 -26.98 30.01
N GLY E 214 13.51 -28.19 29.63
CA GLY E 214 12.88 -29.41 30.13
C GLY E 214 11.72 -29.95 29.33
N CYS E 215 11.36 -29.30 28.22
CA CYS E 215 10.24 -29.72 27.38
C CYS E 215 10.44 -31.12 26.76
N ASN E 216 11.72 -31.50 26.49
CA ASN E 216 12.16 -32.79 25.93
C ASN E 216 11.54 -33.11 24.54
N HIS E 217 11.25 -32.06 23.73
CA HIS E 217 10.62 -32.18 22.41
C HIS E 217 11.33 -33.09 21.42
N PHE E 218 12.66 -33.05 21.43
CA PHE E 218 13.48 -33.81 20.49
C PHE E 218 13.34 -35.31 20.69
N ASN E 219 13.47 -35.81 21.95
CA ASN E 219 13.30 -37.25 22.20
C ASN E 219 11.85 -37.67 21.95
N LEU E 220 10.90 -36.82 22.36
CA LEU E 220 9.45 -37.04 22.20
C LEU E 220 9.03 -37.18 20.76
N ALA E 221 9.63 -36.37 19.87
CA ALA E 221 9.34 -36.40 18.42
C ALA E 221 9.82 -37.73 17.84
N ASN E 222 11.04 -38.15 18.23
CA ASN E 222 11.65 -39.40 17.78
C ASN E 222 10.85 -40.63 18.21
N ASP E 223 10.25 -40.61 19.43
CA ASP E 223 9.41 -41.70 19.97
C ASP E 223 8.16 -41.90 19.14
N TYR E 224 7.48 -40.77 18.78
CA TYR E 224 6.32 -40.76 17.91
C TYR E 224 6.69 -41.35 16.54
N LEU E 225 7.77 -40.89 15.90
CA LEU E 225 8.21 -41.39 14.59
C LEU E 225 8.51 -42.90 14.65
N THR E 226 9.24 -43.37 15.71
CA THR E 226 9.59 -44.77 15.95
C THR E 226 8.30 -45.60 16.07
N ARG E 227 7.32 -45.12 16.86
CA ARG E 227 6.01 -45.74 17.10
C ARG E 227 5.18 -45.89 15.83
N HIS E 228 5.27 -44.91 14.92
CA HIS E 228 4.56 -44.91 13.65
C HIS E 228 5.41 -45.45 12.50
N ARG E 229 6.41 -46.31 12.83
CA ARG E 229 7.35 -46.98 11.93
C ARG E 229 7.94 -46.04 10.84
N ARG E 230 8.37 -44.84 11.27
CA ARG E 230 9.05 -43.84 10.43
C ARG E 230 10.53 -43.76 10.91
N GLU E 231 11.44 -43.29 10.03
CA GLU E 231 12.86 -43.12 10.39
C GLU E 231 12.99 -41.95 11.37
N THR E 232 13.94 -42.03 12.31
CA THR E 232 14.15 -40.96 13.29
C THR E 232 15.03 -39.80 12.76
N VAL E 233 15.06 -38.69 13.52
CA VAL E 233 15.88 -37.53 13.21
C VAL E 233 17.14 -37.67 14.08
N ASP E 234 18.32 -37.63 13.46
CA ASP E 234 19.59 -37.73 14.19
C ASP E 234 19.98 -36.29 14.48
N TRP E 235 19.53 -35.82 15.67
CA TRP E 235 19.70 -34.45 16.14
C TRP E 235 21.16 -34.04 16.28
N GLY E 236 22.02 -35.01 16.56
CA GLY E 236 23.46 -34.79 16.70
C GLY E 236 24.23 -34.67 15.40
N LEU E 237 23.58 -34.94 14.26
CA LEU E 237 24.19 -34.89 12.93
C LEU E 237 23.68 -33.69 12.07
N LEU E 238 24.43 -32.53 11.97
CA LEU E 238 25.65 -32.01 12.64
C LEU E 238 26.80 -33.02 12.86
P AAB G 6 -12.16 6.29 -27.77
O1P AAB G 6 -11.73 7.11 -28.89
O2P AAB G 6 -12.60 4.91 -28.00
O5' AAB G 6 -11.00 6.26 -26.70
C5' AAB G 6 -10.40 7.46 -26.19
C4' AAB G 6 -9.67 7.18 -24.91
O4' AAB G 6 -8.75 6.09 -25.13
C1' AAB G 6 -7.41 6.57 -25.10
O1' AAB G 6 -7.14 6.95 -26.45
C2' AAB G 6 -7.42 7.79 -24.22
C3' AAB G 6 -8.83 8.33 -24.36
O3' AAB G 6 -9.36 8.84 -23.14
P AAB I 6 22.88 24.86 -1.66
O1P AAB I 6 22.53 26.15 -2.21
O2P AAB I 6 23.27 24.75 -0.27
O5' AAB I 6 21.69 23.87 -1.91
C5' AAB I 6 21.13 23.65 -3.21
C4' AAB I 6 20.35 22.36 -3.27
O4' AAB I 6 19.39 22.37 -2.20
C1' AAB I 6 18.06 22.53 -2.70
O1' AAB I 6 17.83 23.94 -2.77
C2' AAB I 6 18.09 21.98 -4.10
C3' AAB I 6 19.54 22.17 -4.54
O3' AAB I 6 20.03 21.11 -5.34
P AAB K 6 18.13 -14.03 19.93
O1P AAB K 6 19.25 -13.40 19.23
O2P AAB K 6 18.16 -15.45 20.21
O5' AAB K 6 16.81 -13.71 19.11
C5' AAB K 6 15.52 -14.09 19.59
C4' AAB K 6 14.45 -13.32 18.87
O4' AAB K 6 14.64 -13.46 17.45
C1' AAB K 6 13.61 -14.23 16.86
O1' AAB K 6 14.12 -15.57 16.92
C2' AAB K 6 12.42 -14.12 17.79
C3' AAB K 6 13.02 -13.77 19.14
O3' AAB K 6 12.28 -12.79 19.85
#